data_2VAI
# 
_entry.id   2VAI 
# 
_audit_conform.dict_name       mmcif_pdbx.dic 
_audit_conform.dict_version    5.392 
_audit_conform.dict_location   http://mmcif.pdb.org/dictionaries/ascii/mmcif_pdbx.dic 
# 
loop_
_database_2.database_id 
_database_2.database_code 
_database_2.pdbx_database_accession 
_database_2.pdbx_DOI 
PDB   2VAI         pdb_00002vai 10.2210/pdb2vai/pdb 
PDBE  EBI-33586    ?            ?                   
WWPDB D_1290033586 ?            ?                   
# 
loop_
_pdbx_audit_revision_history.ordinal 
_pdbx_audit_revision_history.data_content_type 
_pdbx_audit_revision_history.major_revision 
_pdbx_audit_revision_history.minor_revision 
_pdbx_audit_revision_history.revision_date 
1 'Structure model' 1 0 2007-09-11 
2 'Structure model' 1 1 2011-05-08 
3 'Structure model' 1 2 2011-07-13 
4 'Structure model' 1 3 2018-03-07 
5 'Structure model' 1 4 2024-05-15 
# 
_pdbx_audit_revision_details.ordinal             1 
_pdbx_audit_revision_details.revision_ordinal    1 
_pdbx_audit_revision_details.data_content_type   'Structure model' 
_pdbx_audit_revision_details.provider            repository 
_pdbx_audit_revision_details.type                'Initial release' 
_pdbx_audit_revision_details.description         ? 
_pdbx_audit_revision_details.details             ? 
# 
loop_
_pdbx_audit_revision_group.ordinal 
_pdbx_audit_revision_group.revision_ordinal 
_pdbx_audit_revision_group.data_content_type 
_pdbx_audit_revision_group.group 
1 2 'Structure model' 'Version format compliance' 
2 3 'Structure model' 'Version format compliance' 
3 4 'Structure model' 'Database references'       
4 4 'Structure model' 'Structure summary'         
5 5 'Structure model' 'Data collection'           
6 5 'Structure model' 'Database references'       
7 5 'Structure model' Other                       
# 
loop_
_pdbx_audit_revision_category.ordinal 
_pdbx_audit_revision_category.revision_ordinal 
_pdbx_audit_revision_category.data_content_type 
_pdbx_audit_revision_category.category 
1 4 'Structure model' citation             
2 4 'Structure model' citation_author      
3 4 'Structure model' struct               
4 5 'Structure model' chem_comp_atom       
5 5 'Structure model' chem_comp_bond       
6 5 'Structure model' database_2           
7 5 'Structure model' pdbx_database_status 
# 
loop_
_pdbx_audit_revision_item.ordinal 
_pdbx_audit_revision_item.revision_ordinal 
_pdbx_audit_revision_item.data_content_type 
_pdbx_audit_revision_item.item 
1 4 'Structure model' '_citation.journal_id_ISSN'            
2 4 'Structure model' '_citation.page_last'                  
3 4 'Structure model' '_citation.pdbx_database_id_DOI'       
4 4 'Structure model' '_citation.title'                      
5 4 'Structure model' '_citation_author.name'                
6 4 'Structure model' '_struct.title'                        
7 5 'Structure model' '_database_2.pdbx_DOI'                 
8 5 'Structure model' '_database_2.pdbx_database_accession'  
9 5 'Structure model' '_pdbx_database_status.status_code_mr' 
# 
_pdbx_database_status.status_code                     REL 
_pdbx_database_status.entry_id                        2VAI 
_pdbx_database_status.deposit_site                    PDBE 
_pdbx_database_status.process_site                    PDBE 
_pdbx_database_status.SG_entry                        . 
_pdbx_database_status.recvd_initial_deposition_date   2007-08-31 
_pdbx_database_status.pdb_format_compatible           Y 
_pdbx_database_status.status_code_sf                  ? 
_pdbx_database_status.status_code_mr                  REL 
_pdbx_database_status.status_code_cs                  ? 
_pdbx_database_status.methods_development_category    ? 
_pdbx_database_status.status_code_nmr_data            ? 
# 
loop_
_pdbx_database_related.db_name 
_pdbx_database_related.db_id 
_pdbx_database_related.content_type 
_pdbx_database_related.details 
PDB 1DGO unspecified 'SOLUTION STRUCTURE OF A URACIL CONTAINING HAIRPIN DNA'  
PDB 2VAH unspecified 'SOLUTION STRUCTURE OF A B-DNA HAIRPIN AT LOW PRESSURE.' 
# 
loop_
_audit_author.name 
_audit_author.pdbx_ordinal 
_audit_author.identifier_ORCID 
'Williamson, M.P.' 1 ? 
'Wilton, D.J.'     2 ? 
'Ghosh, M.'        3 ? 
'Chary, K.V.A.'    4 ? 
'Akasaka, K.'      5 ? 
# 
_citation.id                        primary 
_citation.title                     'Structural change in a B-DNA helix with hydrostatic pressure.' 
_citation.journal_abbrev            'Nucleic Acids Res.' 
_citation.journal_volume            36 
_citation.page_first                4032 
_citation.page_last                 4037 
_citation.year                      2008 
_citation.journal_id_ASTM           NARHAD 
_citation.country                   UK 
_citation.journal_id_ISSN           1362-4962 
_citation.journal_id_CSD            0389 
_citation.book_publisher            ? 
_citation.pdbx_database_id_PubMed   18515837 
_citation.pdbx_database_id_DOI      10.1093/nar/gkn350 
# 
loop_
_citation_author.citation_id 
_citation_author.name 
_citation_author.ordinal 
_citation_author.identifier_ORCID 
primary 'Wilton, D.J.'     1 ? 
primary 'Ghosh, M.'        2 ? 
primary 'Chary, K.V.'      3 ? 
primary 'Akasaka, K.'      4 ? 
primary 'Williamson, M.P.' 5 ? 
# 
_entity.id                         1 
_entity.type                       polymer 
_entity.src_method                 syn 
_entity.pdbx_description           
;5'-D(*AP*GP*GP*AP*TP*CP*CP*TP*UP*TP *TP*GP*GP*AP*TP*CP*CP*T)-3'
;
_entity.formula_weight             5483.537 
_entity.pdbx_number_of_molecules   1 
_entity.pdbx_ec                    ? 
_entity.pdbx_mutation              ? 
_entity.pdbx_fragment              ? 
_entity.details                    ? 
# 
_entity_name_com.entity_id   1 
_entity_name_com.name        'U2 DNA HAIRPIN' 
# 
_entity_poly.entity_id                      1 
_entity_poly.type                           polydeoxyribonucleotide 
_entity_poly.nstd_linkage                   no 
_entity_poly.nstd_monomer                   no 
_entity_poly.pdbx_seq_one_letter_code       '(DA)(DG)(DG)(DA)(DT)(DC)(DC)(DT)(DU)(DT)(DT)(DG)(DG)(DA)(DT)(DC)(DC)(DT)' 
_entity_poly.pdbx_seq_one_letter_code_can   AGGATCCTUTTGGATCCT 
_entity_poly.pdbx_strand_id                 A 
_entity_poly.pdbx_target_identifier         ? 
# 
loop_
_entity_poly_seq.entity_id 
_entity_poly_seq.num 
_entity_poly_seq.mon_id 
_entity_poly_seq.hetero 
1 1  DA n 
1 2  DG n 
1 3  DG n 
1 4  DA n 
1 5  DT n 
1 6  DC n 
1 7  DC n 
1 8  DT n 
1 9  DU n 
1 10 DT n 
1 11 DT n 
1 12 DG n 
1 13 DG n 
1 14 DA n 
1 15 DT n 
1 16 DC n 
1 17 DC n 
1 18 DT n 
# 
loop_
_chem_comp.id 
_chem_comp.type 
_chem_comp.mon_nstd_flag 
_chem_comp.name 
_chem_comp.pdbx_synonyms 
_chem_comp.formula 
_chem_comp.formula_weight 
DA 'DNA linking' y "2'-DEOXYADENOSINE-5'-MONOPHOSPHATE" ? 'C10 H14 N5 O6 P' 331.222 
DC 'DNA linking' y "2'-DEOXYCYTIDINE-5'-MONOPHOSPHATE"  ? 'C9 H14 N3 O7 P'  307.197 
DG 'DNA linking' y "2'-DEOXYGUANOSINE-5'-MONOPHOSPHATE" ? 'C10 H14 N5 O7 P' 347.221 
DT 'DNA linking' y "THYMIDINE-5'-MONOPHOSPHATE"         ? 'C10 H15 N2 O8 P' 322.208 
DU 'DNA linking' y "2'-DEOXYURIDINE-5'-MONOPHOSPHATE"   ? 'C9 H13 N2 O8 P'  308.182 
# 
loop_
_pdbx_poly_seq_scheme.asym_id 
_pdbx_poly_seq_scheme.entity_id 
_pdbx_poly_seq_scheme.seq_id 
_pdbx_poly_seq_scheme.mon_id 
_pdbx_poly_seq_scheme.ndb_seq_num 
_pdbx_poly_seq_scheme.pdb_seq_num 
_pdbx_poly_seq_scheme.auth_seq_num 
_pdbx_poly_seq_scheme.pdb_mon_id 
_pdbx_poly_seq_scheme.auth_mon_id 
_pdbx_poly_seq_scheme.pdb_strand_id 
_pdbx_poly_seq_scheme.pdb_ins_code 
_pdbx_poly_seq_scheme.hetero 
A 1 1  DA 1  1  1  DA DA A . n 
A 1 2  DG 2  2  2  DG DG A . n 
A 1 3  DG 3  3  3  DG DG A . n 
A 1 4  DA 4  4  4  DA DA A . n 
A 1 5  DT 5  5  5  DT DT A . n 
A 1 6  DC 6  6  6  DC DC A . n 
A 1 7  DC 7  7  7  DC DC A . n 
A 1 8  DT 8  8  8  DT DT A . n 
A 1 9  DU 9  9  9  DU DU A . n 
A 1 10 DT 10 10 10 DT DT A . n 
A 1 11 DT 11 11 11 DT DT A . n 
A 1 12 DG 12 12 12 DG DG A . n 
A 1 13 DG 13 13 13 DG DG A . n 
A 1 14 DA 14 14 14 DA DA A . n 
A 1 15 DT 15 15 15 DT DT A . n 
A 1 16 DC 16 16 16 DC DC A . n 
A 1 17 DC 17 17 17 DC DC A . n 
A 1 18 DT 18 18 18 DT DT A . n 
# 
_cell.entry_id           2VAI 
_cell.length_a           1.000 
_cell.length_b           1.000 
_cell.length_c           1.000 
_cell.angle_alpha        90.00 
_cell.angle_beta         90.00 
_cell.angle_gamma        90.00 
_cell.Z_PDB              1 
_cell.pdbx_unique_axis   ? 
# 
_symmetry.entry_id                         2VAI 
_symmetry.space_group_name_H-M             'P 1' 
_symmetry.pdbx_full_space_group_name_H-M   ? 
_symmetry.cell_setting                     ? 
_symmetry.Int_Tables_number                1 
# 
_exptl.entry_id          2VAI 
_exptl.method            'SOLUTION NMR' 
_exptl.crystals_number   ? 
# 
_struct.entry_id                  2VAI 
_struct.title                     'Solution structure of a B-DNA hairpin at high pressure' 
_struct.pdbx_model_details        ? 
_struct.pdbx_CASP_flag            ? 
_struct.pdbx_model_type_details   'MINIMIZED AVERAGE' 
# 
_struct_keywords.entry_id        2VAI 
_struct_keywords.pdbx_keywords   DNA 
_struct_keywords.text            'DNA, B-DNA HAIRPIN, PRESSURE' 
# 
_struct_asym.id                            A 
_struct_asym.pdbx_blank_PDB_chainid_flag   N 
_struct_asym.pdbx_modified                 N 
_struct_asym.entity_id                     1 
_struct_asym.details                       ? 
# 
_struct_ref.id                         1 
_struct_ref.db_name                    PDB 
_struct_ref.db_code                    2VAI 
_struct_ref.entity_id                  1 
_struct_ref.pdbx_seq_one_letter_code   ? 
_struct_ref.pdbx_align_begin           ? 
_struct_ref.pdbx_db_accession          2VAI 
_struct_ref.pdbx_db_isoform            ? 
# 
_struct_ref_seq.align_id                      1 
_struct_ref_seq.ref_id                        1 
_struct_ref_seq.pdbx_PDB_id_code              2VAI 
_struct_ref_seq.pdbx_strand_id                A 
_struct_ref_seq.seq_align_beg                 1 
_struct_ref_seq.pdbx_seq_align_beg_ins_code   ? 
_struct_ref_seq.seq_align_end                 18 
_struct_ref_seq.pdbx_seq_align_end_ins_code   ? 
_struct_ref_seq.pdbx_db_accession             2VAI 
_struct_ref_seq.db_align_beg                  1 
_struct_ref_seq.pdbx_db_align_beg_ins_code    ? 
_struct_ref_seq.db_align_end                  18 
_struct_ref_seq.pdbx_db_align_end_ins_code    ? 
_struct_ref_seq.pdbx_auth_seq_align_beg       1 
_struct_ref_seq.pdbx_auth_seq_align_end       18 
# 
_pdbx_struct_assembly.id                   1 
_pdbx_struct_assembly.details              author_defined_assembly 
_pdbx_struct_assembly.method_details       ? 
_pdbx_struct_assembly.oligomeric_details   monomeric 
_pdbx_struct_assembly.oligomeric_count     1 
# 
_pdbx_struct_assembly_gen.assembly_id       1 
_pdbx_struct_assembly_gen.oper_expression   1 
_pdbx_struct_assembly_gen.asym_id_list      A 
# 
_pdbx_struct_oper_list.id                   1 
_pdbx_struct_oper_list.type                 'identity operation' 
_pdbx_struct_oper_list.name                 1_555 
_pdbx_struct_oper_list.symmetry_operation   x,y,z 
_pdbx_struct_oper_list.matrix[1][1]         1.0000000000 
_pdbx_struct_oper_list.matrix[1][2]         0.0000000000 
_pdbx_struct_oper_list.matrix[1][3]         0.0000000000 
_pdbx_struct_oper_list.vector[1]            0.0000000000 
_pdbx_struct_oper_list.matrix[2][1]         0.0000000000 
_pdbx_struct_oper_list.matrix[2][2]         1.0000000000 
_pdbx_struct_oper_list.matrix[2][3]         0.0000000000 
_pdbx_struct_oper_list.vector[2]            0.0000000000 
_pdbx_struct_oper_list.matrix[3][1]         0.0000000000 
_pdbx_struct_oper_list.matrix[3][2]         0.0000000000 
_pdbx_struct_oper_list.matrix[3][3]         1.0000000000 
_pdbx_struct_oper_list.vector[3]            0.0000000000 
# 
loop_
_struct_conn.id 
_struct_conn.conn_type_id 
_struct_conn.pdbx_leaving_atom_flag 
_struct_conn.pdbx_PDB_id 
_struct_conn.ptnr1_label_asym_id 
_struct_conn.ptnr1_label_comp_id 
_struct_conn.ptnr1_label_seq_id 
_struct_conn.ptnr1_label_atom_id 
_struct_conn.pdbx_ptnr1_label_alt_id 
_struct_conn.pdbx_ptnr1_PDB_ins_code 
_struct_conn.pdbx_ptnr1_standard_comp_id 
_struct_conn.ptnr1_symmetry 
_struct_conn.ptnr2_label_asym_id 
_struct_conn.ptnr2_label_comp_id 
_struct_conn.ptnr2_label_seq_id 
_struct_conn.ptnr2_label_atom_id 
_struct_conn.pdbx_ptnr2_label_alt_id 
_struct_conn.pdbx_ptnr2_PDB_ins_code 
_struct_conn.ptnr1_auth_asym_id 
_struct_conn.ptnr1_auth_comp_id 
_struct_conn.ptnr1_auth_seq_id 
_struct_conn.ptnr2_auth_asym_id 
_struct_conn.ptnr2_auth_comp_id 
_struct_conn.ptnr2_auth_seq_id 
_struct_conn.ptnr2_symmetry 
_struct_conn.pdbx_ptnr3_label_atom_id 
_struct_conn.pdbx_ptnr3_label_seq_id 
_struct_conn.pdbx_ptnr3_label_comp_id 
_struct_conn.pdbx_ptnr3_label_asym_id 
_struct_conn.pdbx_ptnr3_label_alt_id 
_struct_conn.pdbx_ptnr3_PDB_ins_code 
_struct_conn.details 
_struct_conn.pdbx_dist_value 
_struct_conn.pdbx_value_order 
_struct_conn.pdbx_role 
hydrog1  hydrog ? ? A DA 1 N1 ? ? ? 1_555 A DT 18 N3 ? ? A DA 1 A DT 18 1_555 ? ? ? ? ? ? WATSON-CRICK ? ? ? 
hydrog2  hydrog ? ? A DA 1 N6 ? ? ? 1_555 A DT 18 O4 ? ? A DA 1 A DT 18 1_555 ? ? ? ? ? ? WATSON-CRICK ? ? ? 
hydrog3  hydrog ? ? A DG 2 N1 ? ? ? 1_555 A DC 17 N3 ? ? A DG 2 A DC 17 1_555 ? ? ? ? ? ? WATSON-CRICK ? ? ? 
hydrog4  hydrog ? ? A DG 2 N2 ? ? ? 1_555 A DC 17 O2 ? ? A DG 2 A DC 17 1_555 ? ? ? ? ? ? WATSON-CRICK ? ? ? 
hydrog5  hydrog ? ? A DG 2 O6 ? ? ? 1_555 A DC 17 N4 ? ? A DG 2 A DC 17 1_555 ? ? ? ? ? ? WATSON-CRICK ? ? ? 
hydrog6  hydrog ? ? A DG 3 N1 ? ? ? 1_555 A DC 16 N3 ? ? A DG 3 A DC 16 1_555 ? ? ? ? ? ? WATSON-CRICK ? ? ? 
hydrog7  hydrog ? ? A DG 3 N2 ? ? ? 1_555 A DC 16 O2 ? ? A DG 3 A DC 16 1_555 ? ? ? ? ? ? WATSON-CRICK ? ? ? 
hydrog8  hydrog ? ? A DG 3 O6 ? ? ? 1_555 A DC 16 N4 ? ? A DG 3 A DC 16 1_555 ? ? ? ? ? ? WATSON-CRICK ? ? ? 
hydrog9  hydrog ? ? A DA 4 N1 ? ? ? 1_555 A DT 15 N3 ? ? A DA 4 A DT 15 1_555 ? ? ? ? ? ? WATSON-CRICK ? ? ? 
hydrog10 hydrog ? ? A DA 4 N6 ? ? ? 1_555 A DT 15 O4 ? ? A DA 4 A DT 15 1_555 ? ? ? ? ? ? WATSON-CRICK ? ? ? 
hydrog11 hydrog ? ? A DT 5 N3 ? ? ? 1_555 A DA 14 N1 ? ? A DT 5 A DA 14 1_555 ? ? ? ? ? ? WATSON-CRICK ? ? ? 
hydrog12 hydrog ? ? A DT 5 O4 ? ? ? 1_555 A DA 14 N6 ? ? A DT 5 A DA 14 1_555 ? ? ? ? ? ? WATSON-CRICK ? ? ? 
hydrog13 hydrog ? ? A DC 6 N3 ? ? ? 1_555 A DG 13 N1 ? ? A DC 6 A DG 13 1_555 ? ? ? ? ? ? WATSON-CRICK ? ? ? 
hydrog14 hydrog ? ? A DC 6 N4 ? ? ? 1_555 A DG 13 O6 ? ? A DC 6 A DG 13 1_555 ? ? ? ? ? ? WATSON-CRICK ? ? ? 
hydrog15 hydrog ? ? A DC 6 O2 ? ? ? 1_555 A DG 13 N2 ? ? A DC 6 A DG 13 1_555 ? ? ? ? ? ? WATSON-CRICK ? ? ? 
hydrog16 hydrog ? ? A DC 7 N3 ? ? ? 1_555 A DG 12 N1 ? ? A DC 7 A DG 12 1_555 ? ? ? ? ? ? WATSON-CRICK ? ? ? 
hydrog17 hydrog ? ? A DC 7 N4 ? ? ? 1_555 A DG 12 O6 ? ? A DC 7 A DG 12 1_555 ? ? ? ? ? ? WATSON-CRICK ? ? ? 
hydrog18 hydrog ? ? A DC 7 O2 ? ? ? 1_555 A DG 12 N2 ? ? A DC 7 A DG 12 1_555 ? ? ? ? ? ? WATSON-CRICK ? ? ? 
# 
_struct_conn_type.id          hydrog 
_struct_conn_type.criteria    ? 
_struct_conn_type.reference   ? 
# 
loop_
_pdbx_validate_close_contact.id 
_pdbx_validate_close_contact.PDB_model_num 
_pdbx_validate_close_contact.auth_atom_id_1 
_pdbx_validate_close_contact.auth_asym_id_1 
_pdbx_validate_close_contact.auth_comp_id_1 
_pdbx_validate_close_contact.auth_seq_id_1 
_pdbx_validate_close_contact.PDB_ins_code_1 
_pdbx_validate_close_contact.label_alt_id_1 
_pdbx_validate_close_contact.auth_atom_id_2 
_pdbx_validate_close_contact.auth_asym_id_2 
_pdbx_validate_close_contact.auth_comp_id_2 
_pdbx_validate_close_contact.auth_seq_id_2 
_pdbx_validate_close_contact.PDB_ins_code_2 
_pdbx_validate_close_contact.label_alt_id_2 
_pdbx_validate_close_contact.dist 
1 1 H21 A DG 2 ? ? O2  A DC 17 ? ? 1.49 
2 1 H62 A DA 4 ? ? O4  A DT 15 ? ? 1.51 
3 1 O2  A DC 7 ? ? H21 A DG 12 ? ? 1.55 
# 
_pdbx_validate_rmsd_bond.id                        1 
_pdbx_validate_rmsd_bond.PDB_model_num             1 
_pdbx_validate_rmsd_bond.auth_atom_id_1            C5 
_pdbx_validate_rmsd_bond.auth_asym_id_1            A 
_pdbx_validate_rmsd_bond.auth_comp_id_1            DT 
_pdbx_validate_rmsd_bond.auth_seq_id_1             5 
_pdbx_validate_rmsd_bond.PDB_ins_code_1            ? 
_pdbx_validate_rmsd_bond.label_alt_id_1            ? 
_pdbx_validate_rmsd_bond.auth_atom_id_2            C7 
_pdbx_validate_rmsd_bond.auth_asym_id_2            A 
_pdbx_validate_rmsd_bond.auth_comp_id_2            DT 
_pdbx_validate_rmsd_bond.auth_seq_id_2             5 
_pdbx_validate_rmsd_bond.PDB_ins_code_2            ? 
_pdbx_validate_rmsd_bond.label_alt_id_2            ? 
_pdbx_validate_rmsd_bond.bond_value                1.536 
_pdbx_validate_rmsd_bond.bond_target_value         1.496 
_pdbx_validate_rmsd_bond.bond_deviation            0.040 
_pdbx_validate_rmsd_bond.bond_standard_deviation   0.006 
_pdbx_validate_rmsd_bond.linker_flag               N 
# 
loop_
_pdbx_validate_rmsd_angle.id 
_pdbx_validate_rmsd_angle.PDB_model_num 
_pdbx_validate_rmsd_angle.auth_atom_id_1 
_pdbx_validate_rmsd_angle.auth_asym_id_1 
_pdbx_validate_rmsd_angle.auth_comp_id_1 
_pdbx_validate_rmsd_angle.auth_seq_id_1 
_pdbx_validate_rmsd_angle.PDB_ins_code_1 
_pdbx_validate_rmsd_angle.label_alt_id_1 
_pdbx_validate_rmsd_angle.auth_atom_id_2 
_pdbx_validate_rmsd_angle.auth_asym_id_2 
_pdbx_validate_rmsd_angle.auth_comp_id_2 
_pdbx_validate_rmsd_angle.auth_seq_id_2 
_pdbx_validate_rmsd_angle.PDB_ins_code_2 
_pdbx_validate_rmsd_angle.label_alt_id_2 
_pdbx_validate_rmsd_angle.auth_atom_id_3 
_pdbx_validate_rmsd_angle.auth_asym_id_3 
_pdbx_validate_rmsd_angle.auth_comp_id_3 
_pdbx_validate_rmsd_angle.auth_seq_id_3 
_pdbx_validate_rmsd_angle.PDB_ins_code_3 
_pdbx_validate_rmsd_angle.label_alt_id_3 
_pdbx_validate_rmsd_angle.angle_value 
_pdbx_validate_rmsd_angle.angle_target_value 
_pdbx_validate_rmsd_angle.angle_deviation 
_pdbx_validate_rmsd_angle.angle_standard_deviation 
_pdbx_validate_rmsd_angle.linker_flag 
1  1 "O4'" A DA 1  ? ? "C1'" A DA 1  ? ? N9 A DA 1  ? ? 111.20 108.30 2.90  0.30 N 
2  1 N7    A DA 1  ? ? C8    A DA 1  ? ? N9 A DA 1  ? ? 117.30 113.80 3.50  0.50 N 
3  1 "O4'" A DG 2  ? ? "C1'" A DG 2  ? ? N9 A DG 2  ? ? 111.62 108.30 3.32  0.30 N 
4  1 N7    A DG 2  ? ? C8    A DG 2  ? ? N9 A DG 2  ? ? 117.71 113.10 4.61  0.50 N 
5  1 C8    A DG 2  ? ? N9    A DG 2  ? ? C4 A DG 2  ? ? 103.78 106.40 -2.62 0.40 N 
6  1 "O4'" A DG 3  ? ? "C1'" A DG 3  ? ? N9 A DG 3  ? ? 112.51 108.30 4.21  0.30 N 
7  1 N7    A DG 3  ? ? C8    A DG 3  ? ? N9 A DG 3  ? ? 117.76 113.10 4.66  0.50 N 
8  1 C8    A DG 3  ? ? N9    A DG 3  ? ? C4 A DG 3  ? ? 103.69 106.40 -2.71 0.40 N 
9  1 "O4'" A DA 4  ? ? "C1'" A DA 4  ? ? N9 A DA 4  ? ? 111.91 108.30 3.61  0.30 N 
10 1 N7    A DA 4  ? ? C8    A DA 4  ? ? N9 A DA 4  ? ? 117.62 113.80 3.82  0.50 N 
11 1 "O4'" A DT 5  ? ? "C1'" A DT 5  ? ? N1 A DT 5  ? ? 113.26 108.30 4.96  0.30 N 
12 1 "O4'" A DC 6  ? ? "C1'" A DC 6  ? ? N1 A DC 6  ? ? 113.08 108.30 4.78  0.30 N 
13 1 "O4'" A DC 7  ? ? "C1'" A DC 7  ? ? N1 A DC 7  ? ? 113.05 108.30 4.75  0.30 N 
14 1 "O4'" A DT 8  ? ? "C1'" A DT 8  ? ? N1 A DT 8  ? ? 111.68 108.30 3.38  0.30 N 
15 1 "O4'" A DU 9  ? ? "C1'" A DU 9  ? ? N1 A DU 9  ? ? 110.72 108.30 2.42  0.30 N 
16 1 "O4'" A DT 10 ? ? "C1'" A DT 10 ? ? N1 A DT 10 ? ? 111.48 108.30 3.18  0.30 N 
17 1 "O4'" A DT 11 ? ? "C1'" A DT 11 ? ? N1 A DT 11 ? ? 110.86 108.30 2.56  0.30 N 
18 1 "O4'" A DG 12 ? ? "C1'" A DG 12 ? ? N9 A DG 12 ? ? 111.33 108.30 3.03  0.30 N 
19 1 N7    A DG 12 ? ? C8    A DG 12 ? ? N9 A DG 12 ? ? 117.61 113.10 4.51  0.50 N 
20 1 C8    A DG 12 ? ? N9    A DG 12 ? ? C4 A DG 12 ? ? 103.85 106.40 -2.55 0.40 N 
21 1 "O4'" A DG 13 ? ? "C1'" A DG 13 ? ? N9 A DG 13 ? ? 112.04 108.30 3.74  0.30 N 
22 1 N7    A DG 13 ? ? C8    A DG 13 ? ? N9 A DG 13 ? ? 117.73 113.10 4.63  0.50 N 
23 1 C8    A DG 13 ? ? N9    A DG 13 ? ? C4 A DG 13 ? ? 103.30 106.40 -3.10 0.40 N 
24 1 "O4'" A DA 14 ? ? "C1'" A DA 14 ? ? N9 A DA 14 ? ? 111.97 108.30 3.67  0.30 N 
25 1 N7    A DA 14 ? ? C8    A DA 14 ? ? N9 A DA 14 ? ? 117.70 113.80 3.90  0.50 N 
26 1 "O4'" A DT 15 ? ? "C1'" A DT 15 ? ? N1 A DT 15 ? ? 112.05 108.30 3.75  0.30 N 
27 1 "O4'" A DC 16 ? ? "C1'" A DC 16 ? ? N1 A DC 16 ? ? 111.64 108.30 3.34  0.30 N 
28 1 "O4'" A DC 17 ? ? "C1'" A DC 17 ? ? N1 A DC 17 ? ? 112.15 108.30 3.85  0.30 N 
29 1 "O4'" A DT 18 ? ? "C1'" A DT 18 ? ? N1 A DT 18 ? ? 110.14 108.30 1.84  0.30 N 
# 
_pdbx_nmr_ensemble.entry_id                             2VAI 
_pdbx_nmr_ensemble.conformers_calculated_total_number   50 
_pdbx_nmr_ensemble.conformers_submitted_total_number    1 
_pdbx_nmr_ensemble.conformer_selection_criteria         ? 
# 
_pdbx_nmr_sample_details.solution_id   1 
_pdbx_nmr_sample_details.contents      '90% WATER 10% D2O' 
# 
_pdbx_nmr_exptl_sample_conditions.conditions_id          1 
_pdbx_nmr_exptl_sample_conditions.temperature            305.0 
_pdbx_nmr_exptl_sample_conditions.pressure_units         bar 
_pdbx_nmr_exptl_sample_conditions.pressure               2000.0 
_pdbx_nmr_exptl_sample_conditions.pH                     7.0 
_pdbx_nmr_exptl_sample_conditions.ionic_strength         50 
_pdbx_nmr_exptl_sample_conditions.ionic_strength_units   mM 
_pdbx_nmr_exptl_sample_conditions.pH_units               pH 
_pdbx_nmr_exptl_sample_conditions.temperature_units      K 
# 
loop_
_pdbx_nmr_exptl.experiment_id 
_pdbx_nmr_exptl.conditions_id 
_pdbx_nmr_exptl.type 
_pdbx_nmr_exptl.solution_id 
1 1 NOESY 1 
2 1 TOCSY 1 
# 
_pdbx_nmr_details.entry_id   2VAI 
_pdbx_nmr_details.text       
'THE STRUCTURE WAS DETERMINED BY REFINING AN EXISTING STRUCTURE WITH RESPECT TO HIGH PRESSURE PROTON SHIFT RESTRAINTS' 
# 
_pdbx_nmr_refine.entry_id           2VAI 
_pdbx_nmr_refine.method             'molecular dynamics' 
_pdbx_nmr_refine.details            
;REFINEMENT DETAILS CAN BE FOUND IN THE JRNL CITATION ABOVE. THIS STRUCTURE IS FOR COMPARISON WITH THE ACCOMPANYING LOW PRESSURE STRUCTURE PDB ENTRY 2VAH.
;
_pdbx_nmr_refine.software_ordinal   1 
# 
loop_
_pdbx_nmr_software.classification 
_pdbx_nmr_software.name 
_pdbx_nmr_software.version 
_pdbx_nmr_software.authors 
_pdbx_nmr_software.ordinal 
refinement           X-PLOR 3.1 BRUNGER 1 
'structure solution' X-PLOR ?   ?       2 
# 
loop_
_chem_comp_atom.comp_id 
_chem_comp_atom.atom_id 
_chem_comp_atom.type_symbol 
_chem_comp_atom.pdbx_aromatic_flag 
_chem_comp_atom.pdbx_stereo_config 
_chem_comp_atom.pdbx_ordinal 
DA OP3    O N N 1   
DA P      P N N 2   
DA OP1    O N N 3   
DA OP2    O N N 4   
DA "O5'"  O N N 5   
DA "C5'"  C N N 6   
DA "C4'"  C N R 7   
DA "O4'"  O N N 8   
DA "C3'"  C N S 9   
DA "O3'"  O N N 10  
DA "C2'"  C N N 11  
DA "C1'"  C N R 12  
DA N9     N Y N 13  
DA C8     C Y N 14  
DA N7     N Y N 15  
DA C5     C Y N 16  
DA C6     C Y N 17  
DA N6     N N N 18  
DA N1     N Y N 19  
DA C2     C Y N 20  
DA N3     N Y N 21  
DA C4     C Y N 22  
DA HOP3   H N N 23  
DA HOP2   H N N 24  
DA "H5'"  H N N 25  
DA "H5''" H N N 26  
DA "H4'"  H N N 27  
DA "H3'"  H N N 28  
DA "HO3'" H N N 29  
DA "H2'"  H N N 30  
DA "H2''" H N N 31  
DA "H1'"  H N N 32  
DA H8     H N N 33  
DA H61    H N N 34  
DA H62    H N N 35  
DA H2     H N N 36  
DC OP3    O N N 37  
DC P      P N N 38  
DC OP1    O N N 39  
DC OP2    O N N 40  
DC "O5'"  O N N 41  
DC "C5'"  C N N 42  
DC "C4'"  C N R 43  
DC "O4'"  O N N 44  
DC "C3'"  C N S 45  
DC "O3'"  O N N 46  
DC "C2'"  C N N 47  
DC "C1'"  C N R 48  
DC N1     N N N 49  
DC C2     C N N 50  
DC O2     O N N 51  
DC N3     N N N 52  
DC C4     C N N 53  
DC N4     N N N 54  
DC C5     C N N 55  
DC C6     C N N 56  
DC HOP3   H N N 57  
DC HOP2   H N N 58  
DC "H5'"  H N N 59  
DC "H5''" H N N 60  
DC "H4'"  H N N 61  
DC "H3'"  H N N 62  
DC "HO3'" H N N 63  
DC "H2'"  H N N 64  
DC "H2''" H N N 65  
DC "H1'"  H N N 66  
DC H41    H N N 67  
DC H42    H N N 68  
DC H5     H N N 69  
DC H6     H N N 70  
DG OP3    O N N 71  
DG P      P N N 72  
DG OP1    O N N 73  
DG OP2    O N N 74  
DG "O5'"  O N N 75  
DG "C5'"  C N N 76  
DG "C4'"  C N R 77  
DG "O4'"  O N N 78  
DG "C3'"  C N S 79  
DG "O3'"  O N N 80  
DG "C2'"  C N N 81  
DG "C1'"  C N R 82  
DG N9     N Y N 83  
DG C8     C Y N 84  
DG N7     N Y N 85  
DG C5     C Y N 86  
DG C6     C N N 87  
DG O6     O N N 88  
DG N1     N N N 89  
DG C2     C N N 90  
DG N2     N N N 91  
DG N3     N N N 92  
DG C4     C Y N 93  
DG HOP3   H N N 94  
DG HOP2   H N N 95  
DG "H5'"  H N N 96  
DG "H5''" H N N 97  
DG "H4'"  H N N 98  
DG "H3'"  H N N 99  
DG "HO3'" H N N 100 
DG "H2'"  H N N 101 
DG "H2''" H N N 102 
DG "H1'"  H N N 103 
DG H8     H N N 104 
DG H1     H N N 105 
DG H21    H N N 106 
DG H22    H N N 107 
DT OP3    O N N 108 
DT P      P N N 109 
DT OP1    O N N 110 
DT OP2    O N N 111 
DT "O5'"  O N N 112 
DT "C5'"  C N N 113 
DT "C4'"  C N R 114 
DT "O4'"  O N N 115 
DT "C3'"  C N S 116 
DT "O3'"  O N N 117 
DT "C2'"  C N N 118 
DT "C1'"  C N R 119 
DT N1     N N N 120 
DT C2     C N N 121 
DT O2     O N N 122 
DT N3     N N N 123 
DT C4     C N N 124 
DT O4     O N N 125 
DT C5     C N N 126 
DT C7     C N N 127 
DT C6     C N N 128 
DT HOP3   H N N 129 
DT HOP2   H N N 130 
DT "H5'"  H N N 131 
DT "H5''" H N N 132 
DT "H4'"  H N N 133 
DT "H3'"  H N N 134 
DT "HO3'" H N N 135 
DT "H2'"  H N N 136 
DT "H2''" H N N 137 
DT "H1'"  H N N 138 
DT H3     H N N 139 
DT H71    H N N 140 
DT H72    H N N 141 
DT H73    H N N 142 
DT H6     H N N 143 
DU OP3    O N N 144 
DU P      P N N 145 
DU OP1    O N N 146 
DU OP2    O N N 147 
DU "O5'"  O N N 148 
DU "C5'"  C N N 149 
DU "C4'"  C N R 150 
DU "O4'"  O N N 151 
DU "C3'"  C N S 152 
DU "O3'"  O N N 153 
DU "C2'"  C N N 154 
DU "C1'"  C N R 155 
DU N1     N N N 156 
DU C2     C N N 157 
DU O2     O N N 158 
DU N3     N N N 159 
DU C4     C N N 160 
DU O4     O N N 161 
DU C5     C N N 162 
DU C6     C N N 163 
DU HOP3   H N N 164 
DU HOP2   H N N 165 
DU "H5'"  H N N 166 
DU "H5''" H N N 167 
DU "H4'"  H N N 168 
DU "H3'"  H N N 169 
DU "HO3'" H N N 170 
DU "H2'"  H N N 171 
DU "H2''" H N N 172 
DU "H1'"  H N N 173 
DU H3     H N N 174 
DU H5     H N N 175 
DU H6     H N N 176 
# 
loop_
_chem_comp_bond.comp_id 
_chem_comp_bond.atom_id_1 
_chem_comp_bond.atom_id_2 
_chem_comp_bond.value_order 
_chem_comp_bond.pdbx_aromatic_flag 
_chem_comp_bond.pdbx_stereo_config 
_chem_comp_bond.pdbx_ordinal 
DA OP3   P      sing N N 1   
DA OP3   HOP3   sing N N 2   
DA P     OP1    doub N N 3   
DA P     OP2    sing N N 4   
DA P     "O5'"  sing N N 5   
DA OP2   HOP2   sing N N 6   
DA "O5'" "C5'"  sing N N 7   
DA "C5'" "C4'"  sing N N 8   
DA "C5'" "H5'"  sing N N 9   
DA "C5'" "H5''" sing N N 10  
DA "C4'" "O4'"  sing N N 11  
DA "C4'" "C3'"  sing N N 12  
DA "C4'" "H4'"  sing N N 13  
DA "O4'" "C1'"  sing N N 14  
DA "C3'" "O3'"  sing N N 15  
DA "C3'" "C2'"  sing N N 16  
DA "C3'" "H3'"  sing N N 17  
DA "O3'" "HO3'" sing N N 18  
DA "C2'" "C1'"  sing N N 19  
DA "C2'" "H2'"  sing N N 20  
DA "C2'" "H2''" sing N N 21  
DA "C1'" N9     sing N N 22  
DA "C1'" "H1'"  sing N N 23  
DA N9    C8     sing Y N 24  
DA N9    C4     sing Y N 25  
DA C8    N7     doub Y N 26  
DA C8    H8     sing N N 27  
DA N7    C5     sing Y N 28  
DA C5    C6     sing Y N 29  
DA C5    C4     doub Y N 30  
DA C6    N6     sing N N 31  
DA C6    N1     doub Y N 32  
DA N6    H61    sing N N 33  
DA N6    H62    sing N N 34  
DA N1    C2     sing Y N 35  
DA C2    N3     doub Y N 36  
DA C2    H2     sing N N 37  
DA N3    C4     sing Y N 38  
DC OP3   P      sing N N 39  
DC OP3   HOP3   sing N N 40  
DC P     OP1    doub N N 41  
DC P     OP2    sing N N 42  
DC P     "O5'"  sing N N 43  
DC OP2   HOP2   sing N N 44  
DC "O5'" "C5'"  sing N N 45  
DC "C5'" "C4'"  sing N N 46  
DC "C5'" "H5'"  sing N N 47  
DC "C5'" "H5''" sing N N 48  
DC "C4'" "O4'"  sing N N 49  
DC "C4'" "C3'"  sing N N 50  
DC "C4'" "H4'"  sing N N 51  
DC "O4'" "C1'"  sing N N 52  
DC "C3'" "O3'"  sing N N 53  
DC "C3'" "C2'"  sing N N 54  
DC "C3'" "H3'"  sing N N 55  
DC "O3'" "HO3'" sing N N 56  
DC "C2'" "C1'"  sing N N 57  
DC "C2'" "H2'"  sing N N 58  
DC "C2'" "H2''" sing N N 59  
DC "C1'" N1     sing N N 60  
DC "C1'" "H1'"  sing N N 61  
DC N1    C2     sing N N 62  
DC N1    C6     sing N N 63  
DC C2    O2     doub N N 64  
DC C2    N3     sing N N 65  
DC N3    C4     doub N N 66  
DC C4    N4     sing N N 67  
DC C4    C5     sing N N 68  
DC N4    H41    sing N N 69  
DC N4    H42    sing N N 70  
DC C5    C6     doub N N 71  
DC C5    H5     sing N N 72  
DC C6    H6     sing N N 73  
DG OP3   P      sing N N 74  
DG OP3   HOP3   sing N N 75  
DG P     OP1    doub N N 76  
DG P     OP2    sing N N 77  
DG P     "O5'"  sing N N 78  
DG OP2   HOP2   sing N N 79  
DG "O5'" "C5'"  sing N N 80  
DG "C5'" "C4'"  sing N N 81  
DG "C5'" "H5'"  sing N N 82  
DG "C5'" "H5''" sing N N 83  
DG "C4'" "O4'"  sing N N 84  
DG "C4'" "C3'"  sing N N 85  
DG "C4'" "H4'"  sing N N 86  
DG "O4'" "C1'"  sing N N 87  
DG "C3'" "O3'"  sing N N 88  
DG "C3'" "C2'"  sing N N 89  
DG "C3'" "H3'"  sing N N 90  
DG "O3'" "HO3'" sing N N 91  
DG "C2'" "C1'"  sing N N 92  
DG "C2'" "H2'"  sing N N 93  
DG "C2'" "H2''" sing N N 94  
DG "C1'" N9     sing N N 95  
DG "C1'" "H1'"  sing N N 96  
DG N9    C8     sing Y N 97  
DG N9    C4     sing Y N 98  
DG C8    N7     doub Y N 99  
DG C8    H8     sing N N 100 
DG N7    C5     sing Y N 101 
DG C5    C6     sing N N 102 
DG C5    C4     doub Y N 103 
DG C6    O6     doub N N 104 
DG C6    N1     sing N N 105 
DG N1    C2     sing N N 106 
DG N1    H1     sing N N 107 
DG C2    N2     sing N N 108 
DG C2    N3     doub N N 109 
DG N2    H21    sing N N 110 
DG N2    H22    sing N N 111 
DG N3    C4     sing N N 112 
DT OP3   P      sing N N 113 
DT OP3   HOP3   sing N N 114 
DT P     OP1    doub N N 115 
DT P     OP2    sing N N 116 
DT P     "O5'"  sing N N 117 
DT OP2   HOP2   sing N N 118 
DT "O5'" "C5'"  sing N N 119 
DT "C5'" "C4'"  sing N N 120 
DT "C5'" "H5'"  sing N N 121 
DT "C5'" "H5''" sing N N 122 
DT "C4'" "O4'"  sing N N 123 
DT "C4'" "C3'"  sing N N 124 
DT "C4'" "H4'"  sing N N 125 
DT "O4'" "C1'"  sing N N 126 
DT "C3'" "O3'"  sing N N 127 
DT "C3'" "C2'"  sing N N 128 
DT "C3'" "H3'"  sing N N 129 
DT "O3'" "HO3'" sing N N 130 
DT "C2'" "C1'"  sing N N 131 
DT "C2'" "H2'"  sing N N 132 
DT "C2'" "H2''" sing N N 133 
DT "C1'" N1     sing N N 134 
DT "C1'" "H1'"  sing N N 135 
DT N1    C2     sing N N 136 
DT N1    C6     sing N N 137 
DT C2    O2     doub N N 138 
DT C2    N3     sing N N 139 
DT N3    C4     sing N N 140 
DT N3    H3     sing N N 141 
DT C4    O4     doub N N 142 
DT C4    C5     sing N N 143 
DT C5    C7     sing N N 144 
DT C5    C6     doub N N 145 
DT C7    H71    sing N N 146 
DT C7    H72    sing N N 147 
DT C7    H73    sing N N 148 
DT C6    H6     sing N N 149 
DU OP3   P      sing N N 150 
DU OP3   HOP3   sing N N 151 
DU P     OP1    doub N N 152 
DU P     OP2    sing N N 153 
DU P     "O5'"  sing N N 154 
DU OP2   HOP2   sing N N 155 
DU "O5'" "C5'"  sing N N 156 
DU "C5'" "C4'"  sing N N 157 
DU "C5'" "H5'"  sing N N 158 
DU "C5'" "H5''" sing N N 159 
DU "C4'" "O4'"  sing N N 160 
DU "C4'" "C3'"  sing N N 161 
DU "C4'" "H4'"  sing N N 162 
DU "O4'" "C1'"  sing N N 163 
DU "C3'" "O3'"  sing N N 164 
DU "C3'" "C2'"  sing N N 165 
DU "C3'" "H3'"  sing N N 166 
DU "O3'" "HO3'" sing N N 167 
DU "C2'" "C1'"  sing N N 168 
DU "C2'" "H2'"  sing N N 169 
DU "C2'" "H2''" sing N N 170 
DU "C1'" N1     sing N N 171 
DU "C1'" "H1'"  sing N N 172 
DU N1    C2     sing N N 173 
DU N1    C6     sing N N 174 
DU C2    O2     doub N N 175 
DU C2    N3     sing N N 176 
DU N3    C4     sing N N 177 
DU N3    H3     sing N N 178 
DU C4    O4     doub N N 179 
DU C4    C5     sing N N 180 
DU C5    C6     doub N N 181 
DU C5    H5     sing N N 182 
DU C6    H6     sing N N 183 
# 
loop_
_ndb_struct_conf_na.entry_id 
_ndb_struct_conf_na.feature 
2VAI 'double helix' 
2VAI 'hairpin loop' 
# 
loop_
_ndb_struct_na_base_pair.model_number 
_ndb_struct_na_base_pair.i_label_asym_id 
_ndb_struct_na_base_pair.i_label_comp_id 
_ndb_struct_na_base_pair.i_label_seq_id 
_ndb_struct_na_base_pair.i_symmetry 
_ndb_struct_na_base_pair.j_label_asym_id 
_ndb_struct_na_base_pair.j_label_comp_id 
_ndb_struct_na_base_pair.j_label_seq_id 
_ndb_struct_na_base_pair.j_symmetry 
_ndb_struct_na_base_pair.shear 
_ndb_struct_na_base_pair.stretch 
_ndb_struct_na_base_pair.stagger 
_ndb_struct_na_base_pair.buckle 
_ndb_struct_na_base_pair.propeller 
_ndb_struct_na_base_pair.opening 
_ndb_struct_na_base_pair.pair_number 
_ndb_struct_na_base_pair.pair_name 
_ndb_struct_na_base_pair.i_auth_asym_id 
_ndb_struct_na_base_pair.i_auth_seq_id 
_ndb_struct_na_base_pair.i_PDB_ins_code 
_ndb_struct_na_base_pair.j_auth_asym_id 
_ndb_struct_na_base_pair.j_auth_seq_id 
_ndb_struct_na_base_pair.j_PDB_ins_code 
_ndb_struct_na_base_pair.hbond_type_28 
_ndb_struct_na_base_pair.hbond_type_12 
1 A DA 1 1_555 A DT 18 1_555 0.289  0.083  -0.054 0.243  1.258  2.121  1 A_DA1:DT18_A A 1 ? A 18 ? 20 1 
1 A DG 2 1_555 A DC 17 1_555 -0.898 -0.451 0.030  -0.683 -2.198 3.711  2 A_DG2:DC17_A A 2 ? A 17 ? 19 1 
1 A DG 3 1_555 A DC 16 1_555 -0.780 -0.517 -0.012 0.443  2.289  -4.541 3 A_DG3:DC16_A A 3 ? A 16 ? 19 1 
1 A DA 4 1_555 A DT 15 1_555 0.303  -0.365 -0.076 -0.590 0.936  -6.474 4 A_DA4:DT15_A A 4 ? A 15 ? 20 1 
1 A DT 5 1_555 A DA 14 1_555 -0.205 -0.264 -0.018 -0.621 1.971  -5.301 5 A_DT5:DA14_A A 5 ? A 14 ? 20 1 
1 A DC 6 1_555 A DG 13 1_555 1.048  -0.467 -0.058 0.407  0.653  2.585  6 A_DC6:DG13_A A 6 ? A 13 ? 19 1 
1 A DC 7 1_555 A DG 12 1_555 1.081  -0.274 -0.092 1.303  0.935  7.785  7 A_DC7:DG12_A A 7 ? A 12 ? 19 1 
# 
loop_
_ndb_struct_na_base_pair_step.model_number 
_ndb_struct_na_base_pair_step.i_label_asym_id_1 
_ndb_struct_na_base_pair_step.i_label_comp_id_1 
_ndb_struct_na_base_pair_step.i_label_seq_id_1 
_ndb_struct_na_base_pair_step.i_symmetry_1 
_ndb_struct_na_base_pair_step.j_label_asym_id_1 
_ndb_struct_na_base_pair_step.j_label_comp_id_1 
_ndb_struct_na_base_pair_step.j_label_seq_id_1 
_ndb_struct_na_base_pair_step.j_symmetry_1 
_ndb_struct_na_base_pair_step.i_label_asym_id_2 
_ndb_struct_na_base_pair_step.i_label_comp_id_2 
_ndb_struct_na_base_pair_step.i_label_seq_id_2 
_ndb_struct_na_base_pair_step.i_symmetry_2 
_ndb_struct_na_base_pair_step.j_label_asym_id_2 
_ndb_struct_na_base_pair_step.j_label_comp_id_2 
_ndb_struct_na_base_pair_step.j_label_seq_id_2 
_ndb_struct_na_base_pair_step.j_symmetry_2 
_ndb_struct_na_base_pair_step.shift 
_ndb_struct_na_base_pair_step.slide 
_ndb_struct_na_base_pair_step.rise 
_ndb_struct_na_base_pair_step.tilt 
_ndb_struct_na_base_pair_step.roll 
_ndb_struct_na_base_pair_step.twist 
_ndb_struct_na_base_pair_step.x_displacement 
_ndb_struct_na_base_pair_step.y_displacement 
_ndb_struct_na_base_pair_step.helical_rise 
_ndb_struct_na_base_pair_step.inclination 
_ndb_struct_na_base_pair_step.tip 
_ndb_struct_na_base_pair_step.helical_twist 
_ndb_struct_na_base_pair_step.step_number 
_ndb_struct_na_base_pair_step.step_name 
_ndb_struct_na_base_pair_step.i_auth_asym_id_1 
_ndb_struct_na_base_pair_step.i_auth_seq_id_1 
_ndb_struct_na_base_pair_step.i_PDB_ins_code_1 
_ndb_struct_na_base_pair_step.j_auth_asym_id_1 
_ndb_struct_na_base_pair_step.j_auth_seq_id_1 
_ndb_struct_na_base_pair_step.j_PDB_ins_code_1 
_ndb_struct_na_base_pair_step.i_auth_asym_id_2 
_ndb_struct_na_base_pair_step.i_auth_seq_id_2 
_ndb_struct_na_base_pair_step.i_PDB_ins_code_2 
_ndb_struct_na_base_pair_step.j_auth_asym_id_2 
_ndb_struct_na_base_pair_step.j_auth_seq_id_2 
_ndb_struct_na_base_pair_step.j_PDB_ins_code_2 
1 A DA 1 1_555 A DT 18 1_555 A DG 2 1_555 A DC 17 1_555 -0.591 -1.143 3.221 -2.687 -3.518  36.319 -1.333 0.569  3.348 -5.618  
4.290  36.578 1 AA_DA1DG2:DC17DT18_AA A 1 ? A 18 ? A 2 ? A 17 ? 
1 A DG 2 1_555 A DC 17 1_555 A DG 3 1_555 A DC 16 1_555 -0.555 0.943  3.508 -3.129 -4.613  41.978 1.807  0.429  3.422 -6.405  
4.344  42.329 2 AA_DG2DG3:DC16DC17_AA A 2 ? A 17 ? A 3 ? A 16 ? 
1 A DG 3 1_555 A DC 16 1_555 A DA 4 1_555 A DT 15 1_555 -0.234 -0.073 3.344 1.104  4.709   42.213 -0.588 0.437  3.311 6.513   
-1.527 42.477 3 AA_DG3DA4:DT15DC16_AA A 3 ? A 16 ? A 4 ? A 15 ? 
1 A DA 4 1_555 A DT 15 1_555 A DT 5 1_555 A DA 14 1_555 0.054  -0.484 3.408 -0.230 -2.780  31.929 -0.352 -0.142 3.436 -5.041  
0.417  32.048 4 AA_DA4DT5:DA14DT15_AA A 4 ? A 15 ? A 5 ? A 14 ? 
1 A DT 5 1_555 A DA 14 1_555 A DC 6 1_555 A DG 13 1_555 0.370  0.076  3.162 0.376  4.193   41.808 -0.315 -0.478 3.158 5.857   
-0.526 42.010 5 AA_DT5DC6:DG13DA14_AA A 5 ? A 14 ? A 6 ? A 13 ? 
1 A DC 6 1_555 A DG 13 1_555 A DC 7 1_555 A DG 12 1_555 0.670  -0.783 3.421 -2.384 -11.497 40.616 0.182  -1.193 3.465 -16.159 
3.350  42.210 6 AA_DC6DC7:DG12DG13_AA A 6 ? A 13 ? A 7 ? A 12 ? 
# 
_pdbx_nmr_spectrometer.spectrometer_id   1 
_pdbx_nmr_spectrometer.model             DMX 
_pdbx_nmr_spectrometer.manufacturer      Bruker 
_pdbx_nmr_spectrometer.field_strength    750 
# 
_atom_sites.entry_id                    2VAI 
_atom_sites.fract_transf_matrix[1][1]   1.000000 
_atom_sites.fract_transf_matrix[1][2]   0.000000 
_atom_sites.fract_transf_matrix[1][3]   0.000000 
_atom_sites.fract_transf_matrix[2][1]   0.000000 
_atom_sites.fract_transf_matrix[2][2]   1.000000 
_atom_sites.fract_transf_matrix[2][3]   0.000000 
_atom_sites.fract_transf_matrix[3][1]   0.000000 
_atom_sites.fract_transf_matrix[3][2]   0.000000 
_atom_sites.fract_transf_matrix[3][3]   1.000000 
_atom_sites.fract_transf_vector[1]      0.00000 
_atom_sites.fract_transf_vector[2]      0.00000 
_atom_sites.fract_transf_vector[3]      0.00000 
# 
loop_
_atom_type.symbol 
C 
H 
N 
O 
P 
# 
loop_
_atom_site.group_PDB 
_atom_site.id 
_atom_site.type_symbol 
_atom_site.label_atom_id 
_atom_site.label_alt_id 
_atom_site.label_comp_id 
_atom_site.label_asym_id 
_atom_site.label_entity_id 
_atom_site.label_seq_id 
_atom_site.pdbx_PDB_ins_code 
_atom_site.Cartn_x 
_atom_site.Cartn_y 
_atom_site.Cartn_z 
_atom_site.occupancy 
_atom_site.B_iso_or_equiv 
_atom_site.pdbx_formal_charge 
_atom_site.auth_seq_id 
_atom_site.auth_comp_id 
_atom_site.auth_asym_id 
_atom_site.auth_atom_id 
_atom_site.pdbx_PDB_model_num 
ATOM 1   O "O5'"  . DA A 1 1  ? -12.373 -0.196  -4.593  1.00 0.00 ? 1  DA A "O5'"  1 
ATOM 2   C "C5'"  . DA A 1 1  ? -13.401 0.221   -3.699  1.00 0.00 ? 1  DA A "C5'"  1 
ATOM 3   C "C4'"  . DA A 1 1  ? -14.084 -0.978  -3.037  1.00 0.00 ? 1  DA A "C4'"  1 
ATOM 4   O "O4'"  . DA A 1 1  ? -14.401 -1.958  -4.053  1.00 0.00 ? 1  DA A "O4'"  1 
ATOM 5   C "C3'"  . DA A 1 1  ? -13.173 -1.678  -2.045  1.00 0.00 ? 1  DA A "C3'"  1 
ATOM 6   O "O3'"  . DA A 1 1  ? -13.923 -2.304  -0.992  1.00 0.00 ? 1  DA A "O3'"  1 
ATOM 7   C "C2'"  . DA A 1 1  ? -12.461 -2.690  -2.880  1.00 0.00 ? 1  DA A "C2'"  1 
ATOM 8   C "C1'"  . DA A 1 1  ? -13.459 -3.061  -3.964  1.00 0.00 ? 1  DA A "C1'"  1 
ATOM 9   N N9     . DA A 1 1  ? -12.749 -3.258  -5.234  1.00 0.00 ? 1  DA A N9     1 
ATOM 10  C C8     . DA A 1 1  ? -12.789 -2.532  -6.377  1.00 0.00 ? 1  DA A C8     1 
ATOM 11  N N7     . DA A 1 1  ? -12.031 -2.914  -7.346  1.00 0.00 ? 1  DA A N7     1 
ATOM 12  C C5     . DA A 1 1  ? -11.406 -4.034  -6.784  1.00 0.00 ? 1  DA A C5     1 
ATOM 13  C C6     . DA A 1 1  ? -10.458 -4.941  -7.277  1.00 0.00 ? 1  DA A C6     1 
ATOM 14  N N6     . DA A 1 1  ? -9.946  -4.869  -8.506  1.00 0.00 ? 1  DA A N6     1 
ATOM 15  N N1     . DA A 1 1  ? -10.060 -5.932  -6.458  1.00 0.00 ? 1  DA A N1     1 
ATOM 16  C C2     . DA A 1 1  ? -10.561 -6.030  -5.227  1.00 0.00 ? 1  DA A C2     1 
ATOM 17  N N3     . DA A 1 1  ? -11.456 -5.229  -4.661  1.00 0.00 ? 1  DA A N3     1 
ATOM 18  C C4     . DA A 1 1  ? -11.839 -4.246  -5.502  1.00 0.00 ? 1  DA A C4     1 
ATOM 19  H "H5'"  . DA A 1 1  ? -14.142 0.789   -4.257  1.00 0.00 ? 1  DA A "H5'"  1 
ATOM 20  H "H5''" . DA A 1 1  ? -12.969 0.858   -2.933  1.00 0.00 ? 1  DA A "H5''" 1 
ATOM 21  H "H4'"  . DA A 1 1  ? -14.994 -0.659  -2.541  1.00 0.00 ? 1  DA A "H4'"  1 
ATOM 22  H "H3'"  . DA A 1 1  ? -12.455 -0.966  -1.635  1.00 0.00 ? 1  DA A "H3'"  1 
ATOM 23  H "H2'"  . DA A 1 1  ? -11.571 -2.250  -3.325  1.00 0.00 ? 1  DA A "H2'"  1 
ATOM 24  H "H2''" . DA A 1 1  ? -12.197 -3.564  -2.284  1.00 0.00 ? 1  DA A "H2''" 1 
ATOM 25  H "H1'"  . DA A 1 1  ? -13.983 -3.978  -3.692  1.00 0.00 ? 1  DA A "H1'"  1 
ATOM 26  H H8     . DA A 1 1  ? -13.439 -1.661  -6.474  1.00 0.00 ? 1  DA A H8     1 
ATOM 27  H H61    . DA A 1 1  ? -10.229 -4.127  -9.129  1.00 0.00 ? 1  DA A H61    1 
ATOM 28  H H62    . DA A 1 1  ? -9.267  -5.551  -8.810  1.00 0.00 ? 1  DA A H62    1 
ATOM 29  H H2     . DA A 1 1  ? -10.206 -6.865  -4.627  1.00 0.00 ? 1  DA A H2     1 
ATOM 30  H "HO5'" . DA A 1 1  ? -12.392 -1.150  -4.627  1.00 0.00 ? 1  DA A "HO5'" 1 
ATOM 31  P P      . DG A 1 2  ? -13.297 -2.472  0.484   1.00 0.00 ? 2  DG A P      1 
ATOM 32  O OP1    . DG A 1 2  ? -14.347 -3.030  1.367   1.00 0.00 ? 2  DG A OP1    1 
ATOM 33  O OP2    . DG A 1 2  ? -12.630 -1.201  0.845   1.00 0.00 ? 2  DG A OP2    1 
ATOM 34  O "O5'"  . DG A 1 2  ? -12.160 -3.604  0.267   1.00 0.00 ? 2  DG A "O5'"  1 
ATOM 35  C "C5'"  . DG A 1 2  ? -12.511 -4.986  0.060   1.00 0.00 ? 2  DG A "C5'"  1 
ATOM 36  C "C4'"  . DG A 1 2  ? -11.434 -5.960  0.575   1.00 0.00 ? 2  DG A "C4'"  1 
ATOM 37  O "O4'"  . DG A 1 2  ? -10.639 -6.452  -0.542  1.00 0.00 ? 2  DG A "O4'"  1 
ATOM 38  C "C3'"  . DG A 1 2  ? -10.453 -5.274  1.508   1.00 0.00 ? 2  DG A "C3'"  1 
ATOM 39  O "O3'"  . DG A 1 2  ? -9.927  -6.199  2.462   1.00 0.00 ? 2  DG A "O3'"  1 
ATOM 40  C "C2'"  . DG A 1 2  ? -9.385  -4.776  0.585   1.00 0.00 ? 2  DG A "C2'"  1 
ATOM 41  C "C1'"  . DG A 1 2  ? -9.326  -5.821  -0.520  1.00 0.00 ? 2  DG A "C1'"  1 
ATOM 42  N N9     . DG A 1 2  ? -8.998  -5.199  -1.823  1.00 0.00 ? 2  DG A N9     1 
ATOM 43  C C8     . DG A 1 2  ? -9.524  -4.090  -2.391  1.00 0.00 ? 2  DG A C8     1 
ATOM 44  N N7     . DG A 1 2  ? -9.077  -3.740  -3.550  1.00 0.00 ? 2  DG A N7     1 
ATOM 45  C C5     . DG A 1 2  ? -8.127  -4.733  -3.806  1.00 0.00 ? 2  DG A C5     1 
ATOM 46  C C6     . DG A 1 2  ? -7.275  -4.909  -4.931  1.00 0.00 ? 2  DG A C6     1 
ATOM 47  O O6     . DG A 1 2  ? -7.192  -4.221  -5.952  1.00 0.00 ? 2  DG A O6     1 
ATOM 48  N N1     . DG A 1 2  ? -6.471  -6.028  -4.782  1.00 0.00 ? 2  DG A N1     1 
ATOM 49  C C2     . DG A 1 2  ? -6.473  -6.879  -3.697  1.00 0.00 ? 2  DG A C2     1 
ATOM 50  N N2     . DG A 1 2  ? -5.620  -7.899  -3.757  1.00 0.00 ? 2  DG A N2     1 
ATOM 51  N N3     . DG A 1 2  ? -7.271  -6.725  -2.634  1.00 0.00 ? 2  DG A N3     1 
ATOM 52  C C4     . DG A 1 2  ? -8.069  -5.636  -2.750  1.00 0.00 ? 2  DG A C4     1 
ATOM 53  H "H5'"  . DG A 1 2  ? -12.657 -5.154  -1.007  1.00 0.00 ? 2  DG A "H5'"  1 
ATOM 54  H "H5''" . DG A 1 2  ? -13.445 -5.195  0.582   1.00 0.00 ? 2  DG A "H5''" 1 
ATOM 55  H "H4'"  . DG A 1 2  ? -11.905 -6.801  1.080   1.00 0.00 ? 2  DG A "H4'"  1 
ATOM 56  H "H3'"  . DG A 1 2  ? -10.929 -4.431  2.012   1.00 0.00 ? 2  DG A "H3'"  1 
ATOM 57  H "H2'"  . DG A 1 2  ? -9.676  -3.811  0.174   1.00 0.00 ? 2  DG A "H2'"  1 
ATOM 58  H "H2''" . DG A 1 2  ? -8.429  -4.700  1.104   1.00 0.00 ? 2  DG A "H2''" 1 
ATOM 59  H "H1'"  . DG A 1 2  ? -8.569  -6.570  -0.280  1.00 0.00 ? 2  DG A "H1'"  1 
ATOM 60  H H8     . DG A 1 2  ? -10.288 -3.506  -1.875  1.00 0.00 ? 2  DG A H8     1 
ATOM 61  H H1     . DG A 1 2  ? -5.834  -6.214  -5.536  1.00 0.00 ? 2  DG A H1     1 
ATOM 62  H H21    . DG A 1 2  ? -5.004  -8.003  -4.560  1.00 0.00 ? 2  DG A H21    1 
ATOM 63  H H22    . DG A 1 2  ? -5.575  -8.562  -2.998  1.00 0.00 ? 2  DG A H22    1 
ATOM 64  P P      . DG A 1 3  ? -8.757  -5.761  3.472   1.00 0.00 ? 3  DG A P      1 
ATOM 65  O OP1    . DG A 1 3  ? -9.162  -6.160  4.838   1.00 0.00 ? 3  DG A OP1    1 
ATOM 66  O OP2    . DG A 1 3  ? -8.398  -4.351  3.201   1.00 0.00 ? 3  DG A OP2    1 
ATOM 67  O "O5'"  . DG A 1 3  ? -7.529  -6.692  3.008   1.00 0.00 ? 3  DG A "O5'"  1 
ATOM 68  C "C5'"  . DG A 1 3  ? -7.457  -8.067  3.406   1.00 0.00 ? 3  DG A "C5'"  1 
ATOM 69  C "C4'"  . DG A 1 3  ? -6.172  -8.738  2.924   1.00 0.00 ? 3  DG A "C4'"  1 
ATOM 70  O "O4'"  . DG A 1 3  ? -5.944  -8.398  1.529   1.00 0.00 ? 3  DG A "O4'"  1 
ATOM 71  C "C3'"  . DG A 1 3  ? -4.970  -8.210  3.689   1.00 0.00 ? 3  DG A "C3'"  1 
ATOM 72  O "O3'"  . DG A 1 3  ? -3.921  -9.190  3.781   1.00 0.00 ? 3  DG A "O3'"  1 
ATOM 73  C "C2'"  . DG A 1 3  ? -4.545  -7.046  2.875   1.00 0.00 ? 3  DG A "C2'"  1 
ATOM 74  C "C1'"  . DG A 1 3  ? -4.862  -7.436  1.448   1.00 0.00 ? 3  DG A "C1'"  1 
ATOM 75  N N9     . DG A 1 3  ? -5.220  -6.244  0.630   1.00 0.00 ? 3  DG A N9     1 
ATOM 76  C C8     . DG A 1 3  ? -6.128  -5.260  0.864   1.00 0.00 ? 3  DG A C8     1 
ATOM 77  N N7     . DG A 1 3  ? -6.225  -4.304  -0.012  1.00 0.00 ? 3  DG A N7     1 
ATOM 78  C C5     . DG A 1 3  ? -5.257  -4.686  -0.960  1.00 0.00 ? 3  DG A C5     1 
ATOM 79  C C6     . DG A 1 3  ? -4.852  -4.069  -2.193  1.00 0.00 ? 3  DG A C6     1 
ATOM 80  O O6     . DG A 1 3  ? -5.274  -3.036  -2.719  1.00 0.00 ? 3  DG A O6     1 
ATOM 81  N N1     . DG A 1 3  ? -3.847  -4.810  -2.814  1.00 0.00 ? 3  DG A N1     1 
ATOM 82  C C2     . DG A 1 3  ? -3.296  -5.984  -2.339  1.00 0.00 ? 3  DG A C2     1 
ATOM 83  N N2     . DG A 1 3  ? -2.333  -6.540  -3.081  1.00 0.00 ? 3  DG A N2     1 
ATOM 84  N N3     . DG A 1 3  ? -3.666  -6.563  -1.199  1.00 0.00 ? 3  DG A N3     1 
ATOM 85  C C4     . DG A 1 3  ? -4.641  -5.875  -0.562  1.00 0.00 ? 3  DG A C4     1 
ATOM 86  H "H5'"  . DG A 1 3  ? -8.310  -8.602  2.991   1.00 0.00 ? 3  DG A "H5'"  1 
ATOM 87  H "H5''" . DG A 1 3  ? -7.500  -8.124  4.495   1.00 0.00 ? 3  DG A "H5''" 1 
ATOM 88  H "H4'"  . DG A 1 3  ? -6.244  -9.819  3.034   1.00 0.00 ? 3  DG A "H4'"  1 
ATOM 89  H "H3'"  . DG A 1 3  ? -5.268  -7.867  4.685   1.00 0.00 ? 3  DG A "H3'"  1 
ATOM 90  H "H2'"  . DG A 1 3  ? -5.115  -6.167  3.160   1.00 0.00 ? 3  DG A "H2'"  1 
ATOM 91  H "H2''" . DG A 1 3  ? -3.491  -6.880  2.998   1.00 0.00 ? 3  DG A "H2''" 1 
ATOM 92  H "H1'"  . DG A 1 3  ? -3.988  -7.920  1.014   1.00 0.00 ? 3  DG A "H1'"  1 
ATOM 93  H H8     . DG A 1 3  ? -6.755  -5.276  1.753   1.00 0.00 ? 3  DG A H8     1 
ATOM 94  H H1     . DG A 1 3  ? -3.494  -4.436  -3.670  1.00 0.00 ? 3  DG A H1     1 
ATOM 95  H H21    . DG A 1 3  ? -2.050  -6.117  -3.959  1.00 0.00 ? 3  DG A H21    1 
ATOM 96  H H22    . DG A 1 3  ? -1.894  -7.393  -2.766  1.00 0.00 ? 3  DG A H22    1 
ATOM 97  P P      . DA A 1 4  ? -2.530  -8.836  4.519   1.00 0.00 ? 4  DA A P      1 
ATOM 98  O OP1    . DA A 1 4  ? -2.031  -10.064 5.172   1.00 0.00 ? 4  DA A OP1    1 
ATOM 99  O OP2    . DA A 1 4  ? -2.738  -7.610  5.321   1.00 0.00 ? 4  DA A OP2    1 
ATOM 100 O "O5'"  . DA A 1 4  ? -1.534  -8.466  3.300   1.00 0.00 ? 4  DA A "O5'"  1 
ATOM 101 C "C5'"  . DA A 1 4  ? -1.348  -9.359  2.198   1.00 0.00 ? 4  DA A "C5'"  1 
ATOM 102 C "C4'"  . DA A 1 4  ? -0.072  -9.058  1.401   1.00 0.00 ? 4  DA A "C4'"  1 
ATOM 103 O "O4'"  . DA A 1 4  ? -0.357  -8.040  0.408   1.00 0.00 ? 4  DA A "O4'"  1 
ATOM 104 C "C3'"  . DA A 1 4  ? 1.033   -8.484  2.277   1.00 0.00 ? 4  DA A "C3'"  1 
ATOM 105 O "O3'"  . DA A 1 4  ? 2.324   -8.845  1.775   1.00 0.00 ? 4  DA A "O3'"  1 
ATOM 106 C "C2'"  . DA A 1 4  ? 0.817   -7.005  2.205   1.00 0.00 ? 4  DA A "C2'"  1 
ATOM 107 C "C1'"  . DA A 1 4  ? 0.243   -6.779  0.819   1.00 0.00 ? 4  DA A "C1'"  1 
ATOM 108 N N9     . DA A 1 4  ? -0.737  -5.685  0.833   1.00 0.00 ? 4  DA A N9     1 
ATOM 109 C C8     . DA A 1 4  ? -1.713  -5.389  1.734   1.00 0.00 ? 4  DA A C8     1 
ATOM 110 N N7     . DA A 1 4  ? -2.450  -4.355  1.500   1.00 0.00 ? 4  DA A N7     1 
ATOM 111 C C5     . DA A 1 4  ? -1.905  -3.897  0.296   1.00 0.00 ? 4  DA A C5     1 
ATOM 112 C C6     . DA A 1 4  ? -2.203  -2.818  -0.521  1.00 0.00 ? 4  DA A C6     1 
ATOM 113 N N6     . DA A 1 4  ? -3.175  -1.975  -0.238  1.00 0.00 ? 4  DA A N6     1 
ATOM 114 N N1     . DA A 1 4  ? -1.464  -2.643  -1.638  1.00 0.00 ? 4  DA A N1     1 
ATOM 115 C C2     . DA A 1 4  ? -0.476  -3.496  -1.925  1.00 0.00 ? 4  DA A C2     1 
ATOM 116 N N3     . DA A 1 4  ? -0.105  -4.557  -1.216  1.00 0.00 ? 4  DA A N3     1 
ATOM 117 C C4     . DA A 1 4  ? -0.864  -4.701  -0.111  1.00 0.00 ? 4  DA A C4     1 
ATOM 118 H "H5'"  . DA A 1 4  ? -2.203  -9.282  1.530   1.00 0.00 ? 4  DA A "H5'"  1 
ATOM 119 H "H5''" . DA A 1 4  ? -1.286  -10.377 2.578   1.00 0.00 ? 4  DA A "H5''" 1 
ATOM 120 H "H4'"  . DA A 1 4  ? 0.278   -9.960  0.904   1.00 0.00 ? 4  DA A "H4'"  1 
ATOM 121 H "H3'"  . DA A 1 4  ? 0.914   -8.823  3.311   1.00 0.00 ? 4  DA A "H3'"  1 
ATOM 122 H "H2'"  . DA A 1 4  ? 0.116   -6.691  2.975   1.00 0.00 ? 4  DA A "H2'"  1 
ATOM 123 H "H2''" . DA A 1 4  ? 1.763   -6.476  2.313   1.00 0.00 ? 4  DA A "H2''" 1 
ATOM 124 H "H1'"  . DA A 1 4  ? 1.047   -6.522  0.126   1.00 0.00 ? 4  DA A "H1'"  1 
ATOM 125 H H8     . DA A 1 4  ? -1.869  -6.002  2.617   1.00 0.00 ? 4  DA A H8     1 
ATOM 126 H H61    . DA A 1 4  ? -3.724  -2.107  0.603   1.00 0.00 ? 4  DA A H61    1 
ATOM 127 H H62    . DA A 1 4  ? -3.369  -1.198  -0.855  1.00 0.00 ? 4  DA A H62    1 
ATOM 128 H H2     . DA A 1 4  ? 0.094   -3.289  -2.829  1.00 0.00 ? 4  DA A H2     1 
ATOM 129 P P      . DT A 1 5  ? 3.661   -8.197  2.393   1.00 0.00 ? 5  DT A P      1 
ATOM 130 O OP1    . DT A 1 5  ? 4.702   -9.246  2.431   1.00 0.00 ? 5  DT A OP1    1 
ATOM 131 O OP2    . DT A 1 5  ? 3.298   -7.473  3.638   1.00 0.00 ? 5  DT A OP2    1 
ATOM 132 O "O5'"  . DT A 1 5  ? 4.076   -7.104  1.278   1.00 0.00 ? 5  DT A "O5'"  1 
ATOM 133 C "C5'"  . DT A 1 5  ? 3.892   -7.363  -0.120  1.00 0.00 ? 5  DT A "C5'"  1 
ATOM 134 C "C4'"  . DT A 1 5  ? 4.651   -6.370  -1.011  1.00 0.00 ? 5  DT A "C4'"  1 
ATOM 135 O "O4'"  . DT A 1 5  ? 3.752   -5.281  -1.351  1.00 0.00 ? 5  DT A "O4'"  1 
ATOM 136 C "C3'"  . DT A 1 5  ? 5.838   -5.738  -0.287  1.00 0.00 ? 5  DT A "C3'"  1 
ATOM 137 O "O3'"  . DT A 1 5  ? 6.878   -5.370  -1.218  1.00 0.00 ? 5  DT A "O3'"  1 
ATOM 138 C "C2'"  . DT A 1 5  ? 5.229   -4.531  0.359   1.00 0.00 ? 5  DT A "C2'"  1 
ATOM 139 C "C1'"  . DT A 1 5  ? 4.132   -4.101  -0.609  1.00 0.00 ? 5  DT A "C1'"  1 
ATOM 140 N N1     . DT A 1 5  ? 2.995   -3.464  0.103   1.00 0.00 ? 5  DT A N1     1 
ATOM 141 C C2     . DT A 1 5  ? 2.470   -2.317  -0.471  1.00 0.00 ? 5  DT A C2     1 
ATOM 142 O O2     . DT A 1 5  ? 2.879   -1.874  -1.538  1.00 0.00 ? 5  DT A O2     1 
ATOM 143 N N3     . DT A 1 5  ? 1.454   -1.692  0.226   1.00 0.00 ? 5  DT A N3     1 
ATOM 144 C C4     . DT A 1 5  ? 0.917   -2.108  1.434   1.00 0.00 ? 5  DT A C4     1 
ATOM 145 O O4     . DT A 1 5  ? 0.002   -1.477  1.956   1.00 0.00 ? 5  DT A O4     1 
ATOM 146 C C5     . DT A 1 5  ? 1.521   -3.311  1.972   1.00 0.00 ? 5  DT A C5     1 
ATOM 147 C C7     . DT A 1 5  ? 1.039   -3.850  3.327   1.00 0.00 ? 5  DT A C7     1 
ATOM 148 C C6     . DT A 1 5  ? 2.519   -3.944  1.302   1.00 0.00 ? 5  DT A C6     1 
ATOM 149 H "H5'"  . DT A 1 5  ? 2.831   -7.290  -0.354  1.00 0.00 ? 5  DT A "H5'"  1 
ATOM 150 H "H5''" . DT A 1 5  ? 4.231   -8.373  -0.343  1.00 0.00 ? 5  DT A "H5''" 1 
ATOM 151 H "H4'"  . DT A 1 5  ? 4.986   -6.862  -1.922  1.00 0.00 ? 5  DT A "H4'"  1 
ATOM 152 H "H3'"  . DT A 1 5  ? 6.227   -6.424  0.477   1.00 0.00 ? 5  DT A "H3'"  1 
ATOM 153 H "H2'"  . DT A 1 5  ? 4.809   -4.797  1.329   1.00 0.00 ? 5  DT A "H2'"  1 
ATOM 154 H "H2''" . DT A 1 5  ? 5.963   -3.743  0.466   1.00 0.00 ? 5  DT A "H2''" 1 
ATOM 155 H "H1'"  . DT A 1 5  ? 4.546   -3.372  -1.312  1.00 0.00 ? 5  DT A "H1'"  1 
ATOM 156 H H3     . DT A 1 5  ? 1.089   -0.831  -0.169  1.00 0.00 ? 5  DT A H3     1 
ATOM 157 H H71    . DT A 1 5  ? 0.539   -3.053  3.877   1.00 0.00 ? 5  DT A H71    1 
ATOM 158 H H72    . DT A 1 5  ? 0.342   -4.668  3.181   1.00 0.00 ? 5  DT A H72    1 
ATOM 159 H H73    . DT A 1 5  ? 1.891   -4.202  3.905   1.00 0.00 ? 5  DT A H73    1 
ATOM 160 H H6     . DT A 1 5  ? 2.929   -4.863  1.703   1.00 0.00 ? 5  DT A H6     1 
ATOM 161 P P      . DC A 1 6  ? 8.063   -4.345  -0.811  1.00 0.00 ? 6  DC A P      1 
ATOM 162 O OP1    . DC A 1 6  ? 9.294   -4.746  -1.529  1.00 0.00 ? 6  DC A OP1    1 
ATOM 163 O OP2    . DC A 1 6  ? 8.085   -4.223  0.663   1.00 0.00 ? 6  DC A OP2    1 
ATOM 164 O "O5'"  . DC A 1 6  ? 7.560   -2.949  -1.430  1.00 0.00 ? 6  DC A "O5'"  1 
ATOM 165 C "C5'"  . DC A 1 6  ? 7.537   -2.754  -2.846  1.00 0.00 ? 6  DC A "C5'"  1 
ATOM 166 C "C4'"  . DC A 1 6  ? 7.306   -1.293  -3.235  1.00 0.00 ? 6  DC A "C4'"  1 
ATOM 167 O "O4'"  . DC A 1 6  ? 6.055   -0.828  -2.655  1.00 0.00 ? 6  DC A "O4'"  1 
ATOM 168 C "C3'"  . DC A 1 6  ? 8.391   -0.395  -2.659  1.00 0.00 ? 6  DC A "C3'"  1 
ATOM 169 O "O3'"  . DC A 1 6  ? 8.629   0.741   -3.507  1.00 0.00 ? 6  DC A "O3'"  1 
ATOM 170 C "C2'"  . DC A 1 6  ? 7.839   0.019   -1.323  1.00 0.00 ? 6  DC A "C2'"  1 
ATOM 171 C "C1'"  . DC A 1 6  ? 6.339   0.083   -1.558  1.00 0.00 ? 6  DC A "C1'"  1 
ATOM 172 N N1     . DC A 1 6  ? 5.552   -0.215  -0.335  1.00 0.00 ? 6  DC A N1     1 
ATOM 173 C C2     . DC A 1 6  ? 4.540   0.682   -0.017  1.00 0.00 ? 6  DC A C2     1 
ATOM 174 O O2     . DC A 1 6  ? 4.333   1.654   -0.742  1.00 0.00 ? 6  DC A O2     1 
ATOM 175 N N3     . DC A 1 6  ? 3.793   0.458   1.102   1.00 0.00 ? 6  DC A N3     1 
ATOM 176 C C4     . DC A 1 6  ? 4.027   -0.608  1.880   1.00 0.00 ? 6  DC A C4     1 
ATOM 177 N N4     . DC A 1 6  ? 3.296   -0.789  2.983   1.00 0.00 ? 6  DC A N4     1 
ATOM 178 C C5     . DC A 1 6  ? 5.065   -1.537  1.557   1.00 0.00 ? 6  DC A C5     1 
ATOM 179 C C6     . DC A 1 6  ? 5.802   -1.302  0.444   1.00 0.00 ? 6  DC A C6     1 
ATOM 180 H "H5'"  . DC A 1 6  ? 6.739   -3.356  -3.270  1.00 0.00 ? 6  DC A "H5'"  1 
ATOM 181 H "H5''" . DC A 1 6  ? 8.486   -3.087  -3.266  1.00 0.00 ? 6  DC A "H5''" 1 
ATOM 182 H "H4'"  . DC A 1 6  ? 7.272   -1.193  -4.320  1.00 0.00 ? 6  DC A "H4'"  1 
ATOM 183 H "H3'"  . DC A 1 6  ? 9.310   -0.967  -2.517  1.00 0.00 ? 6  DC A "H3'"  1 
ATOM 184 H "H2'"  . DC A 1 6  ? 8.099   -0.714  -0.554  1.00 0.00 ? 6  DC A "H2'"  1 
ATOM 185 H "H2''" . DC A 1 6  ? 8.208   1.004   -1.053  1.00 0.00 ? 6  DC A "H2''" 1 
ATOM 186 H "H1'"  . DC A 1 6  ? 6.085   1.095   -1.884  1.00 0.00 ? 6  DC A "H1'"  1 
ATOM 187 H H41    . DC A 1 6  ? 2.559   -0.136  3.202   1.00 0.00 ? 6  DC A H41    1 
ATOM 188 H H42    . DC A 1 6  ? 3.477   -1.579  3.597   1.00 0.00 ? 6  DC A H42    1 
ATOM 189 H H5     . DC A 1 6  ? 5.219   -2.427  2.157   1.00 0.00 ? 6  DC A H5     1 
ATOM 190 H H6     . DC A 1 6  ? 6.588   -1.988  0.165   1.00 0.00 ? 6  DC A H6     1 
ATOM 191 P P      . DC A 1 7  ? 9.460   2.016   -2.976  1.00 0.00 ? 7  DC A P      1 
ATOM 192 O OP1    . DC A 1 7  ? 10.292  2.522   -4.091  1.00 0.00 ? 7  DC A OP1    1 
ATOM 193 O OP2    . DC A 1 7  ? 10.098  1.648   -1.692  1.00 0.00 ? 7  DC A OP2    1 
ATOM 194 O "O5'"  . DC A 1 7  ? 8.304   3.102   -2.683  1.00 0.00 ? 7  DC A "O5'"  1 
ATOM 195 C "C5'"  . DC A 1 7  ? 7.173   3.215   -3.560  1.00 0.00 ? 7  DC A "C5'"  1 
ATOM 196 C "C4'"  . DC A 1 7  ? 6.267   4.411   -3.234  1.00 0.00 ? 7  DC A "C4'"  1 
ATOM 197 O "O4'"  . DC A 1 7  ? 5.407   4.079   -2.103  1.00 0.00 ? 7  DC A "O4'"  1 
ATOM 198 C "C3'"  . DC A 1 7  ? 7.076   5.624   -2.806  1.00 0.00 ? 7  DC A "C3'"  1 
ATOM 199 O "O3'"  . DC A 1 7  ? 6.408   6.843   -3.176  1.00 0.00 ? 7  DC A "O3'"  1 
ATOM 200 C "C2'"  . DC A 1 7  ? 7.170   5.462   -1.318  1.00 0.00 ? 7  DC A "C2'"  1 
ATOM 201 C "C1'"  . DC A 1 7  ? 5.857   4.801   -0.923  1.00 0.00 ? 7  DC A "C1'"  1 
ATOM 202 N N1     . DC A 1 7  ? 6.026   3.925   0.269   1.00 0.00 ? 7  DC A N1     1 
ATOM 203 C C2     . DC A 1 7  ? 5.157   4.136   1.332   1.00 0.00 ? 7  DC A C2     1 
ATOM 204 O O2     . DC A 1 7  ? 4.292   5.012   1.258   1.00 0.00 ? 7  DC A O2     1 
ATOM 205 N N3     . DC A 1 7  ? 5.286   3.360   2.450   1.00 0.00 ? 7  DC A N3     1 
ATOM 206 C C4     . DC A 1 7  ? 6.222   2.408   2.526   1.00 0.00 ? 7  DC A C4     1 
ATOM 207 N N4     . DC A 1 7  ? 6.318   1.673   3.643   1.00 0.00 ? 7  DC A N4     1 
ATOM 208 C C5     . DC A 1 7  ? 7.123   2.182   1.432   1.00 0.00 ? 7  DC A C5     1 
ATOM 209 C C6     . DC A 1 7  ? 6.994   2.963   0.329   1.00 0.00 ? 7  DC A C6     1 
ATOM 210 H "H5'"  . DC A 1 7  ? 6.579   2.305   -3.491  1.00 0.00 ? 7  DC A "H5'"  1 
ATOM 211 H "H5''" . DC A 1 7  ? 7.530   3.323   -4.584  1.00 0.00 ? 7  DC A "H5''" 1 
ATOM 212 H "H4'"  . DC A 1 7  ? 5.656   4.662   -4.098  1.00 0.00 ? 7  DC A "H4'"  1 
ATOM 213 H "H3'"  . DC A 1 7  ? 8.076   5.582   -3.250  1.00 0.00 ? 7  DC A "H3'"  1 
ATOM 214 H "H2'"  . DC A 1 7  ? 8.002   4.810   -1.077  1.00 0.00 ? 7  DC A "H2'"  1 
ATOM 215 H "H2''" . DC A 1 7  ? 7.291   6.426   -0.824  1.00 0.00 ? 7  DC A "H2''" 1 
ATOM 216 H "H1'"  . DC A 1 7  ? 5.111   5.574   -0.681  1.00 0.00 ? 7  DC A "H1'"  1 
ATOM 217 H H41    . DC A 1 7  ? 5.669   1.827   4.409   1.00 0.00 ? 7  DC A H41    1 
ATOM 218 H H42    . DC A 1 7  ? 7.030   0.957   3.722   1.00 0.00 ? 7  DC A H42    1 
ATOM 219 H H5     . DC A 1 7  ? 7.868   1.393   1.477   1.00 0.00 ? 7  DC A H5     1 
ATOM 220 H H6     . DC A 1 7  ? 7.676   2.829   -0.512  1.00 0.00 ? 7  DC A H6     1 
ATOM 221 P P      . DT A 1 8  ? 6.969   8.296   -2.753  1.00 0.00 ? 8  DT A P      1 
ATOM 222 O OP1    . DT A 1 8  ? 6.187   8.760   -1.586  1.00 0.00 ? 8  DT A OP1    1 
ATOM 223 O OP2    . DT A 1 8  ? 7.043   9.128   -3.978  1.00 0.00 ? 8  DT A OP2    1 
ATOM 224 O "O5'"  . DT A 1 8  ? 8.480   8.002   -2.257  1.00 0.00 ? 8  DT A "O5'"  1 
ATOM 225 C "C5'"  . DT A 1 8  ? 9.086   8.787   -1.212  1.00 0.00 ? 8  DT A "C5'"  1 
ATOM 226 C "C4'"  . DT A 1 8  ? 8.551   8.395   0.175   1.00 0.00 ? 8  DT A "C4'"  1 
ATOM 227 O "O4'"  . DT A 1 8  ? 8.529   6.949   0.289   1.00 0.00 ? 8  DT A "O4'"  1 
ATOM 228 C "C3'"  . DT A 1 8  ? 9.453   8.882   1.300   1.00 0.00 ? 8  DT A "C3'"  1 
ATOM 229 O "O3'"  . DT A 1 8  ? 8.696   9.109   2.505   1.00 0.00 ? 8  DT A "O3'"  1 
ATOM 230 C "C2'"  . DT A 1 8  ? 10.421  7.749   1.482   1.00 0.00 ? 8  DT A "C2'"  1 
ATOM 231 C "C1'"  . DT A 1 8  ? 9.613   6.506   1.143   1.00 0.00 ? 8  DT A "C1'"  1 
ATOM 232 N N1     . DT A 1 8  ? 10.457  5.480   0.474   1.00 0.00 ? 8  DT A N1     1 
ATOM 233 C C2     . DT A 1 8  ? 10.865  4.398   1.228   1.00 0.00 ? 8  DT A C2     1 
ATOM 234 O O2     . DT A 1 8  ? 10.543  4.265   2.405   1.00 0.00 ? 8  DT A O2     1 
ATOM 235 N N3     . DT A 1 8  ? 11.655  3.472   0.581   1.00 0.00 ? 8  DT A N3     1 
ATOM 236 C C4     . DT A 1 8  ? 12.073  3.527   -0.734  1.00 0.00 ? 8  DT A C4     1 
ATOM 237 O O4     . DT A 1 8  ? 12.776  2.636   -1.206  1.00 0.00 ? 8  DT A O4     1 
ATOM 238 C C5     . DT A 1 8  ? 11.601  4.691   -1.444  1.00 0.00 ? 8  DT A C5     1 
ATOM 239 C C7     . DT A 1 8  ? 11.992  4.891   -2.905  1.00 0.00 ? 8  DT A C7     1 
ATOM 240 C C6     . DT A 1 8  ? 10.824  5.609   -0.836  1.00 0.00 ? 8  DT A C6     1 
ATOM 241 H "H5'"  . DT A 1 8  ? 8.873   9.844   -1.389  1.00 0.00 ? 8  DT A "H5'"  1 
ATOM 242 H "H5''" . DT A 1 8  ? 10.166  8.633   -1.231  1.00 0.00 ? 8  DT A "H5''" 1 
ATOM 243 H "H4'"  . DT A 1 8  ? 7.544   8.786   0.309   1.00 0.00 ? 8  DT A "H4'"  1 
ATOM 244 H "H3'"  . DT A 1 8  ? 9.979   9.790   0.997   1.00 0.00 ? 8  DT A "H3'"  1 
ATOM 245 H "H2'"  . DT A 1 8  ? 11.264  7.854   0.797   1.00 0.00 ? 8  DT A "H2'"  1 
ATOM 246 H "H2''" . DT A 1 8  ? 10.766  7.706   2.514   1.00 0.00 ? 8  DT A "H2''" 1 
ATOM 247 H "H1'"  . DT A 1 8  ? 9.193   6.090   2.057   1.00 0.00 ? 8  DT A "H1'"  1 
ATOM 248 H H3     . DT A 1 8  ? 11.944  2.670   1.116   1.00 0.00 ? 8  DT A H3     1 
ATOM 249 H H71    . DT A 1 8  ? 12.891  4.589   -3.087  1.00 0.00 ? 8  DT A H71    1 
ATOM 250 H H72    . DT A 1 8  ? 11.413  4.413   -3.505  1.00 0.00 ? 8  DT A H72    1 
ATOM 251 H H73    . DT A 1 8  ? 11.959  5.820   -3.168  1.00 0.00 ? 8  DT A H73    1 
ATOM 252 H H6     . DT A 1 8  ? 10.478  6.473   -1.403  1.00 0.00 ? 8  DT A H6     1 
ATOM 253 P P      . DU A 1 9  ? 9.414   9.585   3.872   1.00 0.00 ? 9  DU A P      1 
ATOM 254 O OP1    . DU A 1 9  ? 8.795   10.855  4.302   1.00 0.00 ? 9  DU A OP1    1 
ATOM 255 O OP2    . DU A 1 9  ? 10.875  9.512   3.686   1.00 0.00 ? 9  DU A OP2    1 
ATOM 256 O "O5'"  . DU A 1 9  ? 8.987   8.450   4.923   1.00 0.00 ? 9  DU A "O5'"  1 
ATOM 257 C "C5'"  . DU A 1 9  ? 9.189   8.633   6.322   1.00 0.00 ? 9  DU A "C5'"  1 
ATOM 258 C "C4'"  . DU A 1 9  ? 8.553   7.513   7.146   1.00 0.00 ? 9  DU A "C4'"  1 
ATOM 259 O "O4'"  . DU A 1 9  ? 8.811   6.242   6.500   1.00 0.00 ? 9  DU A "O4'"  1 
ATOM 260 C "C3'"  . DU A 1 9  ? 9.174   7.420   8.529   1.00 0.00 ? 9  DU A "C3'"  1 
ATOM 261 O "O3'"  . DU A 1 9  ? 8.233   6.925   9.496   1.00 0.00 ? 9  DU A "O3'"  1 
ATOM 262 C "C2'"  . DU A 1 9  ? 10.319  6.467   8.334   1.00 0.00 ? 9  DU A "C2'"  1 
ATOM 263 C "C1'"  . DU A 1 9  ? 9.837   5.523   7.238   1.00 0.00 ? 9  DU A "C1'"  1 
ATOM 264 N N1     . DU A 1 9  ? 10.936  5.085   6.324   1.00 0.00 ? 9  DU A N1     1 
ATOM 265 C C2     . DU A 1 9  ? 11.831  6.040   5.855   1.00 0.00 ? 9  DU A C2     1 
ATOM 266 O O2     . DU A 1 9  ? 11.761  7.224   6.173   1.00 0.00 ? 9  DU A O2     1 
ATOM 267 N N3     . DU A 1 9  ? 12.817  5.583   5.000   1.00 0.00 ? 9  DU A N3     1 
ATOM 268 C C4     . DU A 1 9  ? 12.993  4.283   4.572   1.00 0.00 ? 9  DU A C4     1 
ATOM 269 O O4     . DU A 1 9  ? 13.910  3.993   3.808   1.00 0.00 ? 9  DU A O4     1 
ATOM 270 C C5     . DU A 1 9  ? 12.024  3.354   5.102   1.00 0.00 ? 9  DU A C5     1 
ATOM 271 C C6     . DU A 1 9  ? 11.045  3.771   5.944   1.00 0.00 ? 9  DU A C6     1 
ATOM 272 H "H5'"  . DU A 1 9  ? 8.759   9.583   6.617   1.00 0.00 ? 9  DU A "H5'"  1 
ATOM 273 H "H5''" . DU A 1 9  ? 10.252  8.656   6.520   1.00 0.00 ? 9  DU A "H5''" 1 
ATOM 274 H "H4'"  . DU A 1 9  ? 7.479   7.668   7.226   1.00 0.00 ? 9  DU A "H4'"  1 
ATOM 275 H "H3'"  . DU A 1 9  ? 9.556   8.400   8.832   1.00 0.00 ? 9  DU A "H3'"  1 
ATOM 276 H "H2'"  . DU A 1 9  ? 11.210  7.006   8.017   1.00 0.00 ? 9  DU A "H2'"  1 
ATOM 277 H "H2''" . DU A 1 9  ? 10.511  5.915   9.253   1.00 0.00 ? 9  DU A "H2''" 1 
ATOM 278 H "H1'"  . DU A 1 9  ? 9.388   4.648   7.704   1.00 0.00 ? 9  DU A "H1'"  1 
ATOM 279 H H3     . DU A 1 9  ? 13.467  6.269   4.650   1.00 0.00 ? 9  DU A H3     1 
ATOM 280 H H5     . DU A 1 9  ? 12.076  2.305   4.817   1.00 0.00 ? 9  DU A H5     1 
ATOM 281 H H6     . DU A 1 9  ? 10.327  3.046   6.322   1.00 0.00 ? 9  DU A H6     1 
ATOM 282 P P      . DT A 1 10 ? 7.053   7.867   10.070  1.00 0.00 ? 10 DT A P      1 
ATOM 283 O OP1    . DT A 1 10 ? 6.781   8.930   9.080   1.00 0.00 ? 10 DT A OP1    1 
ATOM 284 O OP2    . DT A 1 10 ? 7.387   8.236   11.464  1.00 0.00 ? 10 DT A OP2    1 
ATOM 285 O "O5'"  . DT A 1 10 ? 5.783   6.881   10.096  1.00 0.00 ? 10 DT A "O5'"  1 
ATOM 286 C "C5'"  . DT A 1 10 ? 5.618   5.908   11.132  1.00 0.00 ? 10 DT A "C5'"  1 
ATOM 287 C "C4'"  . DT A 1 10 ? 4.252   5.234   11.048  1.00 0.00 ? 10 DT A "C4'"  1 
ATOM 288 O "O4'"  . DT A 1 10 ? 4.113   4.595   9.753   1.00 0.00 ? 10 DT A "O4'"  1 
ATOM 289 C "C3'"  . DT A 1 10 ? 4.129   4.124   12.081  1.00 0.00 ? 10 DT A "C3'"  1 
ATOM 290 O "O3'"  . DT A 1 10 ? 2.769   3.933   12.503  1.00 0.00 ? 10 DT A "O3'"  1 
ATOM 291 C "C2'"  . DT A 1 10 ? 4.638   2.914   11.359  1.00 0.00 ? 10 DT A "C2'"  1 
ATOM 292 C "C1'"  . DT A 1 10 ? 4.239   3.152   9.908   1.00 0.00 ? 10 DT A "C1'"  1 
ATOM 293 N N1     . DT A 1 10 ? 5.224   2.585   8.949   1.00 0.00 ? 10 DT A N1     1 
ATOM 294 C C2     . DT A 1 10 ? 6.540   3.008   9.037   1.00 0.00 ? 10 DT A C2     1 
ATOM 295 O O2     . DT A 1 10 ? 6.918   3.819   9.876   1.00 0.00 ? 10 DT A O2     1 
ATOM 296 N N3     . DT A 1 10 ? 7.418   2.458   8.125   1.00 0.00 ? 10 DT A N3     1 
ATOM 297 C C4     . DT A 1 10 ? 7.109   1.538   7.144   1.00 0.00 ? 10 DT A C4     1 
ATOM 298 O O4     . DT A 1 10 ? 7.982   1.115   6.387   1.00 0.00 ? 10 DT A O4     1 
ATOM 299 C C5     . DT A 1 10 ? 5.718   1.153   7.118   1.00 0.00 ? 10 DT A C5     1 
ATOM 300 C C7     . DT A 1 10 ? 5.242   0.145   6.072   1.00 0.00 ? 10 DT A C7     1 
ATOM 301 C C6     . DT A 1 10 ? 4.834   1.672   7.999   1.00 0.00 ? 10 DT A C6     1 
ATOM 302 H "H5'"  . DT A 1 10 ? 5.718   6.396   12.104  1.00 0.00 ? 10 DT A "H5'"  1 
ATOM 303 H "H5''" . DT A 1 10 ? 6.392   5.149   11.035  1.00 0.00 ? 10 DT A "H5''" 1 
ATOM 304 H "H4'"  . DT A 1 10 ? 3.461   5.967   11.181  1.00 0.00 ? 10 DT A "H4'"  1 
ATOM 305 H "H3'"  . DT A 1 10 ? 4.770   4.342   12.939  1.00 0.00 ? 10 DT A "H3'"  1 
ATOM 306 H "H2'"  . DT A 1 10 ? 5.722   2.844   11.458  1.00 0.00 ? 10 DT A "H2'"  1 
ATOM 307 H "H2''" . DT A 1 10 ? 4.161   2.014   11.747  1.00 0.00 ? 10 DT A "H2''" 1 
ATOM 308 H "H1'"  . DT A 1 10 ? 3.263   2.694   9.730   1.00 0.00 ? 10 DT A "H1'"  1 
ATOM 309 H H3     . DT A 1 10 ? 8.378   2.756   8.185   1.00 0.00 ? 10 DT A H3     1 
ATOM 310 H H71    . DT A 1 10 ? 6.089   -0.255  5.546   1.00 0.00 ? 10 DT A H71    1 
ATOM 311 H H72    . DT A 1 10 ? 4.713   -0.657  6.549   1.00 0.00 ? 10 DT A H72    1 
ATOM 312 H H73    . DT A 1 10 ? 4.590   0.631   5.371   1.00 0.00 ? 10 DT A H73    1 
ATOM 313 H H6     . DT A 1 10 ? 3.792   1.357   7.958   1.00 0.00 ? 10 DT A H6     1 
ATOM 314 P P      . DT A 1 11 ? 1.924   5.128   13.176  1.00 0.00 ? 11 DT A P      1 
ATOM 315 O OP1    . DT A 1 11 ? 2.831   5.896   14.061  1.00 0.00 ? 11 DT A OP1    1 
ATOM 316 O OP2    . DT A 1 11 ? 0.670   4.559   13.712  1.00 0.00 ? 11 DT A OP2    1 
ATOM 317 O "O5'"  . DT A 1 11 ? 1.553   6.035   11.900  1.00 0.00 ? 11 DT A "O5'"  1 
ATOM 318 C "C5'"  . DT A 1 11 ? 1.387   7.449   12.027  1.00 0.00 ? 11 DT A "C5'"  1 
ATOM 319 C "C4'"  . DT A 1 11 ? -0.086  7.809   12.194  1.00 0.00 ? 11 DT A "C4'"  1 
ATOM 320 O "O4'"  . DT A 1 11 ? -0.203  9.173   12.664  1.00 0.00 ? 11 DT A "O4'"  1 
ATOM 321 C "C3'"  . DT A 1 11 ? -0.818  7.762   10.868  1.00 0.00 ? 11 DT A "C3'"  1 
ATOM 322 O "O3'"  . DT A 1 11 ? -2.187  7.381   11.038  1.00 0.00 ? 11 DT A "O3'"  1 
ATOM 323 C "C2'"  . DT A 1 11 ? -0.685  9.154   10.338  1.00 0.00 ? 11 DT A "C2'"  1 
ATOM 324 C "C1'"  . DT A 1 11 ? -0.645  10.027  11.573  1.00 0.00 ? 11 DT A "C1'"  1 
ATOM 325 N N1     . DT A 1 11 ? 0.292   11.152  11.372  1.00 0.00 ? 11 DT A N1     1 
ATOM 326 C C2     . DT A 1 11 ? -0.185  12.288  10.763  1.00 0.00 ? 11 DT A C2     1 
ATOM 327 O O2     . DT A 1 11 ? -1.346  12.389  10.393  1.00 0.00 ? 11 DT A O2     1 
ATOM 328 N N3     . DT A 1 11 ? 0.729   13.311  10.584  1.00 0.00 ? 11 DT A N3     1 
ATOM 329 C C4     . DT A 1 11 ? 2.062   13.302  10.951  1.00 0.00 ? 11 DT A C4     1 
ATOM 330 O O4     . DT A 1 11 ? 2.778   14.284  10.743  1.00 0.00 ? 11 DT A O4     1 
ATOM 331 C C5     . DT A 1 11 ? 2.477   12.073  11.580  1.00 0.00 ? 11 DT A C5     1 
ATOM 332 C C7     . DT A 1 11 ? 3.926   11.912  12.038  1.00 0.00 ? 11 DT A C7     1 
ATOM 333 C C6     . DT A 1 11 ? 1.599   11.057  11.768  1.00 0.00 ? 11 DT A C6     1 
ATOM 334 H "H5'"  . DT A 1 11 ? 1.779   7.934   11.135  1.00 0.00 ? 11 DT A "H5'"  1 
ATOM 335 H "H5''" . DT A 1 11 ? 1.942   7.799   12.896  1.00 0.00 ? 11 DT A "H5''" 1 
ATOM 336 H "H4'"  . DT A 1 11 ? -0.556  7.135   12.908  1.00 0.00 ? 11 DT A "H4'"  1 
ATOM 337 H "H3'"  . DT A 1 11 ? -0.313  7.072   10.195  1.00 0.00 ? 11 DT A "H3'"  1 
ATOM 338 H "H2'"  . DT A 1 11 ? 0.243   9.261   9.779   1.00 0.00 ? 11 DT A "H2'"  1 
ATOM 339 H "H2''" . DT A 1 11 ? -1.543  9.411   9.714   1.00 0.00 ? 11 DT A "H2''" 1 
ATOM 340 H "H1'"  . DT A 1 11 ? -1.645  10.404  11.790  1.00 0.00 ? 11 DT A "H1'"  1 
ATOM 341 H H3     . DT A 1 11 ? 0.393   14.144  10.142  1.00 0.00 ? 11 DT A H3     1 
ATOM 342 H H71    . DT A 1 11 ? 4.329   12.779  12.334  1.00 0.00 ? 11 DT A H71    1 
ATOM 343 H H72    . DT A 1 11 ? 3.978   11.283  12.800  1.00 0.00 ? 11 DT A H72    1 
ATOM 344 H H73    . DT A 1 11 ? 4.509   11.553  11.312  1.00 0.00 ? 11 DT A H73    1 
ATOM 345 H H6     . DT A 1 11 ? 1.937   10.145  12.246  1.00 0.00 ? 11 DT A H6     1 
ATOM 346 P P      . DG A 1 12 ? -2.592  5.840   11.298  1.00 0.00 ? 12 DG A P      1 
ATOM 347 O OP1    . DG A 1 12 ? -3.487  5.796   12.476  1.00 0.00 ? 12 DG A OP1    1 
ATOM 348 O OP2    . DG A 1 12 ? -1.367  5.009   11.267  1.00 0.00 ? 12 DG A OP2    1 
ATOM 349 O "O5'"  . DG A 1 12 ? -3.477  5.487   9.996   1.00 0.00 ? 12 DG A "O5'"  1 
ATOM 350 C "C5'"  . DG A 1 12 ? -2.887  5.354   8.692   1.00 0.00 ? 12 DG A "C5'"  1 
ATOM 351 C "C4'"  . DG A 1 12 ? -2.551  6.714   8.074   1.00 0.00 ? 12 DG A "C4'"  1 
ATOM 352 O "O4'"  . DG A 1 12 ? -1.115  6.901   8.095   1.00 0.00 ? 12 DG A "O4'"  1 
ATOM 353 C "C3'"  . DG A 1 12 ? -2.967  6.785   6.613   1.00 0.00 ? 12 DG A "C3'"  1 
ATOM 354 O "O3'"  . DG A 1 12 ? -3.299  8.125   6.213   1.00 0.00 ? 12 DG A "O3'"  1 
ATOM 355 C "C2'"  . DG A 1 12 ? -1.754  6.285   5.888   1.00 0.00 ? 12 DG A "C2'"  1 
ATOM 356 C "C1'"  . DG A 1 12 ? -0.584  6.723   6.756   1.00 0.00 ? 12 DG A "C1'"  1 
ATOM 357 N N9     . DG A 1 12 ? 0.478   5.699   6.731   1.00 0.00 ? 12 DG A N9     1 
ATOM 358 C C8     . DG A 1 12 ? 0.857   4.816   7.684   1.00 0.00 ? 12 DG A C8     1 
ATOM 359 N N7     . DG A 1 12 ? 1.850   4.026   7.411   1.00 0.00 ? 12 DG A N7     1 
ATOM 360 C C5     . DG A 1 12 ? 2.176   4.421   6.106   1.00 0.00 ? 12 DG A C5     1 
ATOM 361 C C6     . DG A 1 12 ? 3.177   3.936   5.216   1.00 0.00 ? 12 DG A C6     1 
ATOM 362 O O6     . DG A 1 12 ? 4.007   3.049   5.402   1.00 0.00 ? 12 DG A O6     1 
ATOM 363 N N1     . DG A 1 12 ? 3.150   4.618   4.004   1.00 0.00 ? 12 DG A N1     1 
ATOM 364 C C2     . DG A 1 12 ? 2.272   5.636   3.682   1.00 0.00 ? 12 DG A C2     1 
ATOM 365 N N2     . DG A 1 12 ? 2.392   6.166   2.469   1.00 0.00 ? 12 DG A N2     1 
ATOM 366 N N3     . DG A 1 12 ? 1.333   6.090   4.507   1.00 0.00 ? 12 DG A N3     1 
ATOM 367 C C4     . DG A 1 12 ? 1.335   5.448   5.690   1.00 0.00 ? 12 DG A C4     1 
ATOM 368 H "H5'"  . DG A 1 12 ? -3.585  4.831   8.040   1.00 0.00 ? 12 DG A "H5'"  1 
ATOM 369 H "H5''" . DG A 1 12 ? -1.974  4.767   8.773   1.00 0.00 ? 12 DG A "H5''" 1 
ATOM 370 H "H4'"  . DG A 1 12 ? -3.030  7.509   8.639   1.00 0.00 ? 12 DG A "H4'"  1 
ATOM 371 H "H3'"  . DG A 1 12 ? -3.811  6.113   6.437   1.00 0.00 ? 12 DG A "H3'"  1 
ATOM 372 H "H2'"  . DG A 1 12 ? -1.779  5.202   5.823   1.00 0.00 ? 12 DG A "H2'"  1 
ATOM 373 H "H2''" . DG A 1 12 ? -1.687  6.723   4.893   1.00 0.00 ? 12 DG A "H2''" 1 
ATOM 374 H "H1'"  . DG A 1 12 ? -0.173  7.679   6.401   1.00 0.00 ? 12 DG A "H1'"  1 
ATOM 375 H H8     . DG A 1 12 ? 0.324   4.752   8.633   1.00 0.00 ? 12 DG A H8     1 
ATOM 376 H H1     . DG A 1 12 ? 3.825   4.321   3.315   1.00 0.00 ? 12 DG A H1     1 
ATOM 377 H H21    . DG A 1 12 ? 3.103   5.822   1.836   1.00 0.00 ? 12 DG A H21    1 
ATOM 378 H H22    . DG A 1 12 ? 1.772   6.908   2.180   1.00 0.00 ? 12 DG A H22    1 
ATOM 379 P P      . DG A 1 13 ? -4.135  8.394   4.857   1.00 0.00 ? 13 DG A P      1 
ATOM 380 O OP1    . DG A 1 13 ? -4.346  9.852   4.722   1.00 0.00 ? 13 DG A OP1    1 
ATOM 381 O OP2    . DG A 1 13 ? -5.295  7.476   4.833   1.00 0.00 ? 13 DG A OP2    1 
ATOM 382 O "O5'"  . DG A 1 13 ? -3.097  7.932   3.715   1.00 0.00 ? 13 DG A "O5'"  1 
ATOM 383 C "C5'"  . DG A 1 13 ? -2.006  8.783   3.349   1.00 0.00 ? 13 DG A "C5'"  1 
ATOM 384 C "C4'"  . DG A 1 13 ? -1.729  8.772   1.845   1.00 0.00 ? 13 DG A "C4'"  1 
ATOM 385 O "O4'"  . DG A 1 13 ? -0.629  7.868   1.562   1.00 0.00 ? 13 DG A "O4'"  1 
ATOM 386 C "C3'"  . DG A 1 13 ? -2.911  8.250   1.051   1.00 0.00 ? 13 DG A "C3'"  1 
ATOM 387 O "O3'"  . DG A 1 13 ? -2.946  8.863   -0.246  1.00 0.00 ? 13 DG A "O3'"  1 
ATOM 388 C "C2'"  . DG A 1 13 ? -2.654  6.779   0.975   1.00 0.00 ? 13 DG A "C2'"  1 
ATOM 389 C "C1'"  . DG A 1 13 ? -1.148  6.658   0.946   1.00 0.00 ? 13 DG A "C1'"  1 
ATOM 390 N N9     . DG A 1 13 ? -0.693  5.435   1.651   1.00 0.00 ? 13 DG A N9     1 
ATOM 391 C C8     . DG A 1 13 ? -1.145  4.857   2.802   1.00 0.00 ? 13 DG A C8     1 
ATOM 392 N N7     . DG A 1 13 ? -0.567  3.766   3.196   1.00 0.00 ? 13 DG A N7     1 
ATOM 393 C C5     . DG A 1 13 ? 0.395   3.575   2.201   1.00 0.00 ? 13 DG A C5     1 
ATOM 394 C C6     . DG A 1 13 ? 1.359   2.552   2.055   1.00 0.00 ? 13 DG A C6     1 
ATOM 395 O O6     . DG A 1 13 ? 1.568   1.587   2.787   1.00 0.00 ? 13 DG A O6     1 
ATOM 396 N N1     . DG A 1 13 ? 2.130   2.735   0.920   1.00 0.00 ? 13 DG A N1     1 
ATOM 397 C C2     . DG A 1 13 ? 2.000   3.770   0.024   1.00 0.00 ? 13 DG A C2     1 
ATOM 398 N N2     . DG A 1 13 ? 2.851   3.773   -0.993  1.00 0.00 ? 13 DG A N2     1 
ATOM 399 N N3     . DG A 1 13 ? 1.095   4.746   0.144   1.00 0.00 ? 13 DG A N3     1 
ATOM 400 C C4     . DG A 1 13 ? 0.326   4.591   1.250   1.00 0.00 ? 13 DG A C4     1 
ATOM 401 H "H5'"  . DG A 1 13 ? -1.109  8.456   3.874   1.00 0.00 ? 13 DG A "H5'"  1 
ATOM 402 H "H5''" . DG A 1 13 ? -2.240  9.802   3.655   1.00 0.00 ? 13 DG A "H5''" 1 
ATOM 403 H "H4'"  . DG A 1 13 ? -1.468  9.773   1.506   1.00 0.00 ? 13 DG A "H4'"  1 
ATOM 404 H "H3'"  . DG A 1 13 ? -3.842  8.429   1.590   1.00 0.00 ? 13 DG A "H3'"  1 
ATOM 405 H "H2'"  . DG A 1 13 ? -3.056  6.274   1.850   1.00 0.00 ? 13 DG A "H2'"  1 
ATOM 406 H "H2''" . DG A 1 13 ? -3.081  6.371   0.068   1.00 0.00 ? 13 DG A "H2''" 1 
ATOM 407 H "H1'"  . DG A 1 13 ? -0.823  6.616   -0.094  1.00 0.00 ? 13 DG A "H1'"  1 
ATOM 408 H H8     . DG A 1 13 ? -1.943  5.312   3.389   1.00 0.00 ? 13 DG A H8     1 
ATOM 409 H H1     . DG A 1 13 ? 2.835   2.038   0.755   1.00 0.00 ? 13 DG A H1     1 
ATOM 410 H H21    . DG A 1 13 ? 3.535   3.036   -1.081  1.00 0.00 ? 13 DG A H21    1 
ATOM 411 H H22    . DG A 1 13 ? 2.817   4.517   -1.677  1.00 0.00 ? 13 DG A H22    1 
ATOM 412 P P      . DA A 1 14 ? -3.900  8.318   -1.423  1.00 0.00 ? 14 DA A P      1 
ATOM 413 O OP1    . DA A 1 14 ? -4.222  9.462   -2.304  1.00 0.00 ? 14 DA A OP1    1 
ATOM 414 O OP2    . DA A 1 14 ? -4.987  7.517   -0.822  1.00 0.00 ? 14 DA A OP2    1 
ATOM 415 O "O5'"  . DA A 1 14 ? -2.926  7.320   -2.229  1.00 0.00 ? 14 DA A "O5'"  1 
ATOM 416 C "C5'"  . DA A 1 14 ? -1.661  7.785   -2.703  1.00 0.00 ? 14 DA A "C5'"  1 
ATOM 417 C "C4'"  . DA A 1 14 ? -1.128  6.956   -3.869  1.00 0.00 ? 14 DA A "C4'"  1 
ATOM 418 O "O4'"  . DA A 1 14 ? -0.410  5.808   -3.346  1.00 0.00 ? 14 DA A "O4'"  1 
ATOM 419 C "C3'"  . DA A 1 14 ? -2.246  6.399   -4.730  1.00 0.00 ? 14 DA A "C3'"  1 
ATOM 420 O "O3'"  . DA A 1 14 ? -1.808  6.256   -6.087  1.00 0.00 ? 14 DA A "O3'"  1 
ATOM 421 C "C2'"  . DA A 1 14 ? -2.548  5.074   -4.099  1.00 0.00 ? 14 DA A "C2'"  1 
ATOM 422 C "C1'"  . DA A 1 14 ? -1.210  4.612   -3.537  1.00 0.00 ? 14 DA A "C1'"  1 
ATOM 423 N N9     . DA A 1 14 ? -1.389  3.865   -2.284  1.00 0.00 ? 14 DA A N9     1 
ATOM 424 C C8     . DA A 1 14 ? -2.243  4.081   -1.257  1.00 0.00 ? 14 DA A C8     1 
ATOM 425 N N7     . DA A 1 14 ? -2.215  3.250   -0.269  1.00 0.00 ? 14 DA A N7     1 
ATOM 426 C C5     . DA A 1 14 ? -1.215  2.362   -0.677  1.00 0.00 ? 14 DA A C5     1 
ATOM 427 C C6     . DA A 1 14 ? -0.672  1.215   -0.091  1.00 0.00 ? 14 DA A C6     1 
ATOM 428 N N6     . DA A 1 14 ? -1.057  0.769   1.099   1.00 0.00 ? 14 DA A N6     1 
ATOM 429 N N1     . DA A 1 14 ? 0.302   0.570   -0.762  1.00 0.00 ? 14 DA A N1     1 
ATOM 430 C C2     . DA A 1 14 ? 0.714   1.030   -1.949  1.00 0.00 ? 14 DA A C2     1 
ATOM 431 N N3     . DA A 1 14 ? 0.266   2.103   -2.597  1.00 0.00 ? 14 DA A N3     1 
ATOM 432 C C4     . DA A 1 14 ? -0.707  2.729   -1.902  1.00 0.00 ? 14 DA A C4     1 
ATOM 433 H "H5'"  . DA A 1 14 ? -0.940  7.743   -1.887  1.00 0.00 ? 14 DA A "H5'"  1 
ATOM 434 H "H5''" . DA A 1 14 ? -1.766  8.818   -3.028  1.00 0.00 ? 14 DA A "H5''" 1 
ATOM 435 H "H4'"  . DA A 1 14 ? -0.459  7.558   -4.479  1.00 0.00 ? 14 DA A "H4'"  1 
ATOM 436 H "H3'"  . DA A 1 14 ? -3.125  7.047   -4.677  1.00 0.00 ? 14 DA A "H3'"  1 
ATOM 437 H "H2'"  . DA A 1 14 ? -3.285  5.194   -3.307  1.00 0.00 ? 14 DA A "H2'"  1 
ATOM 438 H "H2''" . DA A 1 14 ? -2.908  4.370   -4.844  1.00 0.00 ? 14 DA A "H2''" 1 
ATOM 439 H "H1'"  . DA A 1 14 ? -0.715  3.964   -4.258  1.00 0.00 ? 14 DA A "H1'"  1 
ATOM 440 H H8     . DA A 1 14 ? -2.921  4.931   -1.261  1.00 0.00 ? 14 DA A H8     1 
ATOM 441 H H61    . DA A 1 14 ? -0.638  -0.067  1.490   1.00 0.00 ? 14 DA A H61    1 
ATOM 442 H H62    . DA A 1 14 ? -1.766  1.272   1.616   1.00 0.00 ? 14 DA A H62    1 
ATOM 443 H H2     . DA A 1 14 ? 1.496   0.458   -2.443  1.00 0.00 ? 14 DA A H2     1 
ATOM 444 P P      . DT A 1 15 ? -2.597  5.328   -7.133  1.00 0.00 ? 15 DT A P      1 
ATOM 445 O OP1    . DT A 1 15 ? -2.428  5.920   -8.478  1.00 0.00 ? 15 DT A OP1    1 
ATOM 446 O OP2    . DT A 1 15 ? -3.955  5.071   -6.602  1.00 0.00 ? 15 DT A OP2    1 
ATOM 447 O "O5'"  . DT A 1 15 ? -1.760  3.957   -7.067  1.00 0.00 ? 15 DT A "O5'"  1 
ATOM 448 C "C5'"  . DT A 1 15 ? -0.331  3.983   -7.088  1.00 0.00 ? 15 DT A "C5'"  1 
ATOM 449 C "C4'"  . DT A 1 15 ? 0.265   2.651   -7.536  1.00 0.00 ? 15 DT A "C4'"  1 
ATOM 450 O "O4'"  . DT A 1 15 ? 0.351   1.762   -6.393  1.00 0.00 ? 15 DT A "O4'"  1 
ATOM 451 C "C3'"  . DT A 1 15 ? -0.627  1.958   -8.554  1.00 0.00 ? 15 DT A "C3'"  1 
ATOM 452 O "O3'"  . DT A 1 15 ? 0.152   1.137   -9.441  1.00 0.00 ? 15 DT A "O3'"  1 
ATOM 453 C "C2'"  . DT A 1 15 ? -1.542  1.135   -7.693  1.00 0.00 ? 15 DT A "C2'"  1 
ATOM 454 C "C1'"  . DT A 1 15 ? -0.675  0.746   -6.501  1.00 0.00 ? 15 DT A "C1'"  1 
ATOM 455 N N1     . DT A 1 15 ? -1.449  0.602   -5.248  1.00 0.00 ? 15 DT A N1     1 
ATOM 456 C C2     . DT A 1 15 ? -1.114  -0.475  -4.448  1.00 0.00 ? 15 DT A C2     1 
ATOM 457 O O2     . DT A 1 15 ? -0.211  -1.249  -4.743  1.00 0.00 ? 15 DT A O2     1 
ATOM 458 N N3     . DT A 1 15 ? -1.854  -0.636  -3.296  1.00 0.00 ? 15 DT A N3     1 
ATOM 459 C C4     . DT A 1 15 ? -2.886  0.183   -2.874  1.00 0.00 ? 15 DT A C4     1 
ATOM 460 O O4     . DT A 1 15 ? -3.465  -0.040  -1.815  1.00 0.00 ? 15 DT A O4     1 
ATOM 461 C C5     . DT A 1 15 ? -3.173  1.285   -3.768  1.00 0.00 ? 15 DT A C5     1 
ATOM 462 C C7     . DT A 1 15 ? -4.301  2.255   -3.419  1.00 0.00 ? 15 DT A C7     1 
ATOM 463 C C6     . DT A 1 15 ? -2.464  1.461   -4.904  1.00 0.00 ? 15 DT A C6     1 
ATOM 464 H "H5'"  . DT A 1 15 ? 0.035   4.208   -6.087  1.00 0.00 ? 15 DT A "H5'"  1 
ATOM 465 H "H5''" . DT A 1 15 ? -0.002  4.764   -7.769  1.00 0.00 ? 15 DT A "H5''" 1 
ATOM 466 H "H4'"  . DT A 1 15 ? 1.257   2.808   -7.953  1.00 0.00 ? 15 DT A "H4'"  1 
ATOM 467 H "H3'"  . DT A 1 15 ? -1.202  2.696   -9.121  1.00 0.00 ? 15 DT A "H3'"  1 
ATOM 468 H "H2'"  . DT A 1 15 ? -2.398  1.734   -7.377  1.00 0.00 ? 15 DT A "H2'"  1 
ATOM 469 H "H2''" . DT A 1 15 ? -1.876  0.250   -8.227  1.00 0.00 ? 15 DT A "H2''" 1 
ATOM 470 H "H1'"  . DT A 1 15 ? -0.197  -0.213  -6.714  1.00 0.00 ? 15 DT A "H1'"  1 
ATOM 471 H H3     . DT A 1 15 ? -1.630  -1.436  -2.711  1.00 0.00 ? 15 DT A H3     1 
ATOM 472 H H71    . DT A 1 15 ? -5.145  1.698   -3.025  1.00 0.00 ? 15 DT A H71    1 
ATOM 473 H H72    . DT A 1 15 ? -3.960  2.964   -2.671  1.00 0.00 ? 15 DT A H72    1 
ATOM 474 H H73    . DT A 1 15 ? -4.609  2.796   -4.308  1.00 0.00 ? 15 DT A H73    1 
ATOM 475 H H6     . DT A 1 15 ? -2.696  2.304   -5.551  1.00 0.00 ? 15 DT A H6     1 
ATOM 476 P P      . DC A 1 16 ? -0.547  0.160   -10.513 1.00 0.00 ? 16 DC A P      1 
ATOM 477 O OP1    . DC A 1 16 ? 0.277   0.146   -11.733 1.00 0.00 ? 16 DC A OP1    1 
ATOM 478 O OP2    . DC A 1 16 ? -1.981  0.494   -10.600 1.00 0.00 ? 16 DC A OP2    1 
ATOM 479 O "O5'"  . DC A 1 16 ? -0.401  -1.262  -9.807  1.00 0.00 ? 16 DC A "O5'"  1 
ATOM 480 C "C5'"  . DC A 1 16 ? 0.801   -1.662  -9.190  1.00 0.00 ? 16 DC A "C5'"  1 
ATOM 481 C "C4'"  . DC A 1 16 ? 0.835   -3.149  -8.862  1.00 0.00 ? 16 DC A "C4'"  1 
ATOM 482 O "O4'"  . DC A 1 16 ? 0.251   -3.360  -7.555  1.00 0.00 ? 16 DC A "O4'"  1 
ATOM 483 C "C3'"  . DC A 1 16 ? -0.009  -3.952  -9.834  1.00 0.00 ? 16 DC A "C3'"  1 
ATOM 484 O "O3'"  . DC A 1 16 ? 0.520   -5.274  -9.997  1.00 0.00 ? 16 DC A "O3'"  1 
ATOM 485 C "C2'"  . DC A 1 16 ? -1.362  -3.977  -9.189  1.00 0.00 ? 16 DC A "C2'"  1 
ATOM 486 C "C1'"  . DC A 1 16 ? -1.061  -3.961  -7.702  1.00 0.00 ? 16 DC A "C1'"  1 
ATOM 487 N N1     . DC A 1 16 ? -2.084  -3.232  -6.926  1.00 0.00 ? 16 DC A N1     1 
ATOM 488 C C2     . DC A 1 16 ? -2.513  -3.817  -5.745  1.00 0.00 ? 16 DC A C2     1 
ATOM 489 O O2     . DC A 1 16 ? -2.046  -4.895  -5.379  1.00 0.00 ? 16 DC A O2     1 
ATOM 490 N N3     . DC A 1 16 ? -3.465  -3.176  -5.014  1.00 0.00 ? 16 DC A N3     1 
ATOM 491 C C4     . DC A 1 16 ? -3.980  -2.013  -5.422  1.00 0.00 ? 16 DC A C4     1 
ATOM 492 N N4     . DC A 1 16 ? -4.908  -1.399  -4.667  1.00 0.00 ? 16 DC A N4     1 
ATOM 493 C C5     . DC A 1 16 ? -3.538  -1.407  -6.646  1.00 0.00 ? 16 DC A C5     1 
ATOM 494 C C6     . DC A 1 16 ? -2.590  -2.049  -7.356  1.00 0.00 ? 16 DC A C6     1 
ATOM 495 H "H5'"  . DC A 1 16 ? 0.919   -1.107  -8.285  1.00 0.00 ? 16 DC A "H5'"  1 
ATOM 496 H "H5''" . DC A 1 16 ? 1.618   -1.429  -9.846  1.00 0.00 ? 16 DC A "H5''" 1 
ATOM 497 H "H4'"  . DC A 1 16 ? 1.861   -3.515  -8.862  1.00 0.00 ? 16 DC A "H4'"  1 
ATOM 498 H "H3'"  . DC A 1 16 ? -0.063  -3.434  -10.797 1.00 0.00 ? 16 DC A "H3'"  1 
ATOM 499 H "H2'"  . DC A 1 16 ? -1.954  -3.109  -9.501  1.00 0.00 ? 16 DC A "H2'"  1 
ATOM 500 H "H2''" . DC A 1 16 ? -1.879  -4.899  -9.432  1.00 0.00 ? 16 DC A "H2''" 1 
ATOM 501 H "H1'"  . DC A 1 16 ? -1.020  -4.994  -7.345  1.00 0.00 ? 16 DC A "H1'"  1 
ATOM 502 H H41    . DC A 1 16 ? -5.250  -1.832  -3.797  1.00 0.00 ? 16 DC A H41    1 
ATOM 503 H H42    . DC A 1 16 ? -5.278  -0.513  -4.967  1.00 0.00 ? 16 DC A H42    1 
ATOM 504 H H5     . DC A 1 16 ? -3.969  -0.471  -7.004  1.00 0.00 ? 16 DC A H5     1 
ATOM 505 H H6     . DC A 1 16 ? -2.213  -1.607  -8.265  1.00 0.00 ? 16 DC A H6     1 
ATOM 506 P P      . DC A 1 17 ? -0.203  -6.346  -10.956 1.00 0.00 ? 17 DC A P      1 
ATOM 507 O OP1    . DC A 1 17 ? 0.827   -6.944  -11.834 1.00 0.00 ? 17 DC A OP1    1 
ATOM 508 O OP2    . DC A 1 17 ? -1.395  -5.700  -11.552 1.00 0.00 ? 17 DC A OP2    1 
ATOM 509 O "O5'"  . DC A 1 17 ? -0.705  -7.475  -9.919  1.00 0.00 ? 17 DC A "O5'"  1 
ATOM 510 C "C5'"  . DC A 1 17 ? 0.066   -8.659  -9.669  1.00 0.00 ? 17 DC A "C5'"  1 
ATOM 511 C "C4'"  . DC A 1 17 ? -0.394  -9.385  -8.403  1.00 0.00 ? 17 DC A "C4'"  1 
ATOM 512 O "O4'"  . DC A 1 17 ? -1.122  -8.460  -7.549  1.00 0.00 ? 17 DC A "O4'"  1 
ATOM 513 C "C3'"  . DC A 1 17 ? -1.369  -10.503 -8.742  1.00 0.00 ? 17 DC A "C3'"  1 
ATOM 514 O "O3'"  . DC A 1 17 ? -1.283  -11.564 -7.780  1.00 0.00 ? 17 DC A "O3'"  1 
ATOM 515 C "C2'"  . DC A 1 17 ? -2.699  -9.821  -8.701  1.00 0.00 ? 17 DC A "C2'"  1 
ATOM 516 C "C1'"  . DC A 1 17 ? -2.538  -8.763  -7.613  1.00 0.00 ? 17 DC A "C1'"  1 
ATOM 517 N N1     . DC A 1 17 ? -3.353  -7.562  -7.892  1.00 0.00 ? 17 DC A N1     1 
ATOM 518 C C2     . DC A 1 17 ? -4.244  -7.179  -6.907  1.00 0.00 ? 17 DC A C2     1 
ATOM 519 O O2     . DC A 1 17 ? -4.313  -7.817  -5.862  1.00 0.00 ? 17 DC A O2     1 
ATOM 520 N N3     . DC A 1 17 ? -5.029  -6.088  -7.123  1.00 0.00 ? 17 DC A N3     1 
ATOM 521 C C4     . DC A 1 17 ? -4.938  -5.396  -8.267  1.00 0.00 ? 17 DC A C4     1 
ATOM 522 N N4     . DC A 1 17 ? -5.710  -4.320  -8.446  1.00 0.00 ? 17 DC A N4     1 
ATOM 523 C C5     . DC A 1 17 ? -4.011  -5.789  -9.293  1.00 0.00 ? 17 DC A C5     1 
ATOM 524 C C6     . DC A 1 17 ? -3.241  -6.873  -9.062  1.00 0.00 ? 17 DC A C6     1 
ATOM 525 H "H5'"  . DC A 1 17 ? 1.115   -8.386  -9.557  1.00 0.00 ? 17 DC A "H5'"  1 
ATOM 526 H "H5''" . DC A 1 17 ? -0.036  -9.336  -10.515 1.00 0.00 ? 17 DC A "H5''" 1 
ATOM 527 H "H4'"  . DC A 1 17 ? 0.465   -9.783  -7.864  1.00 0.00 ? 17 DC A "H4'"  1 
ATOM 528 H "H3'"  . DC A 1 17 ? -1.176  -10.882 -9.749  1.00 0.00 ? 17 DC A "H3'"  1 
ATOM 529 H "H2'"  . DC A 1 17 ? -2.913  -9.361  -9.675  1.00 0.00 ? 17 DC A "H2'"  1 
ATOM 530 H "H2''" . DC A 1 17 ? -3.481  -10.522 -8.434  1.00 0.00 ? 17 DC A "H2''" 1 
ATOM 531 H "H1'"  . DC A 1 17 ? -2.853  -9.182  -6.647  1.00 0.00 ? 17 DC A "H1'"  1 
ATOM 532 H H41    . DC A 1 17 ? -6.390  -4.053  -7.735  1.00 0.00 ? 17 DC A H41    1 
ATOM 533 H H42    . DC A 1 17 ? -5.633  -3.784  -9.299  1.00 0.00 ? 17 DC A H42    1 
ATOM 534 H H5     . DC A 1 17 ? -3.937  -5.241  -10.231 1.00 0.00 ? 17 DC A H5     1 
ATOM 535 H H6     . DC A 1 17 ? -2.518  -7.187  -9.799  1.00 0.00 ? 17 DC A H6     1 
ATOM 536 P P      . DT A 1 18 ? -2.265  -12.847 -7.841  1.00 0.00 ? 18 DT A P      1 
ATOM 537 O OP1    . DT A 1 18 ? -1.446  -14.063 -8.015  1.00 0.00 ? 18 DT A OP1    1 
ATOM 538 O OP2    . DT A 1 18 ? -3.364  -12.558 -8.783  1.00 0.00 ? 18 DT A OP2    1 
ATOM 539 O "O5'"  . DT A 1 18 ? -2.881  -12.867 -6.359  1.00 0.00 ? 18 DT A "O5'"  1 
ATOM 540 C "C5'"  . DT A 1 18 ? -3.357  -11.675 -5.770  1.00 0.00 ? 18 DT A "C5'"  1 
ATOM 541 C "C4'"  . DT A 1 18 ? -4.427  -11.909 -4.701  1.00 0.00 ? 18 DT A "C4'"  1 
ATOM 542 O "O4'"  . DT A 1 18 ? -5.274  -10.741 -4.642  1.00 0.00 ? 18 DT A "O4'"  1 
ATOM 543 C "C3'"  . DT A 1 18 ? -5.335  -13.086 -5.037  1.00 0.00 ? 18 DT A "C3'"  1 
ATOM 544 O "O3'"  . DT A 1 18 ? -5.868  -13.689 -3.844  1.00 0.00 ? 18 DT A "O3'"  1 
ATOM 545 C "C2'"  . DT A 1 18 ? -6.423  -12.455 -5.849  1.00 0.00 ? 18 DT A "C2'"  1 
ATOM 546 C "C1'"  . DT A 1 18 ? -6.540  -11.035 -5.273  1.00 0.00 ? 18 DT A "C1'"  1 
ATOM 547 N N1     . DT A 1 18 ? -6.842  -10.020 -6.307  1.00 0.00 ? 18 DT A N1     1 
ATOM 548 C C2     . DT A 1 18 ? -7.774  -9.052  -5.977  1.00 0.00 ? 18 DT A C2     1 
ATOM 549 O O2     . DT A 1 18 ? -8.336  -9.021  -4.881  1.00 0.00 ? 18 DT A O2     1 
ATOM 550 N N3     . DT A 1 18 ? -8.039  -8.105  -6.946  1.00 0.00 ? 18 DT A N3     1 
ATOM 551 C C4     . DT A 1 18 ? -7.464  -8.035  -8.204  1.00 0.00 ? 18 DT A C4     1 
ATOM 552 O O4     . DT A 1 18 ? -7.782  -7.142  -8.982  1.00 0.00 ? 18 DT A O4     1 
ATOM 553 C C5     . DT A 1 18 ? -6.498  -9.085  -8.469  1.00 0.00 ? 18 DT A C5     1 
ATOM 554 C C7     . DT A 1 18 ? -5.784  -9.116  -9.816  1.00 0.00 ? 18 DT A C7     1 
ATOM 555 C C6     . DT A 1 18 ? -6.220  -10.028 -7.535  1.00 0.00 ? 18 DT A C6     1 
ATOM 556 H "H5'"  . DT A 1 18 ? -3.778  -11.065 -6.550  1.00 0.00 ? 18 DT A "H5'"  1 
ATOM 557 H "H5''" . DT A 1 18 ? -2.526  -11.145 -5.329  1.00 0.00 ? 18 DT A "H5''" 1 
ATOM 558 H "H4'"  . DT A 1 18 ? -3.963  -12.061 -3.733  1.00 0.00 ? 18 DT A "H4'"  1 
ATOM 559 H "H3'"  . DT A 1 18 ? -4.795  -13.830 -5.638  1.00 0.00 ? 18 DT A "H3'"  1 
ATOM 560 H "HO3'" . DT A 1 18 ? -5.287  -14.333 -3.561  1.00 0.00 ? 18 DT A "HO3'" 1 
ATOM 561 H "H2'"  . DT A 1 18 ? -6.135  -12.436 -6.904  1.00 0.00 ? 18 DT A "H2'"  1 
ATOM 562 H "H2''" . DT A 1 18 ? -7.360  -13.004 -5.719  1.00 0.00 ? 18 DT A "H2''" 1 
ATOM 563 H "H1'"  . DT A 1 18 ? -7.322  -11.007 -4.511  1.00 0.00 ? 18 DT A "H1'"  1 
ATOM 564 H H3     . DT A 1 18 ? -8.721  -7.396  -6.714  1.00 0.00 ? 18 DT A H3     1 
ATOM 565 H H71    . DT A 1 18 ? -5.276  -8.179  -9.980  1.00 0.00 ? 18 DT A H71    1 
ATOM 566 H H72    . DT A 1 18 ? -5.064  -9.918  -9.832  1.00 0.00 ? 18 DT A H72    1 
ATOM 567 H H73    . DT A 1 18 ? -6.507  -9.272  -10.597 1.00 0.00 ? 18 DT A H73    1 
ATOM 568 H H6     . DT A 1 18 ? -5.482  -10.795 -7.752  1.00 0.00 ? 18 DT A H6     1 
# 
